data_8YTK
#
_entry.id   8YTK
#
_cell.length_a   71.602
_cell.length_b   92.157
_cell.length_c   86.621
_cell.angle_alpha   90.000
_cell.angle_beta   108.629
_cell.angle_gamma   90.000
#
_symmetry.space_group_name_H-M   'P 1 21 1'
#
loop_
_entity.id
_entity.type
_entity.pdbx_description
1 polymer 'Bifunctional glutamate/proline--tRNA ligase'
2 non-polymer (2~{S})-~{N}-[3-(4-azanylquinazolin-7-yl)phenyl]sulfonylpyrrolidine-2-carboxamide
3 non-polymer 1,2-ETHANEDIOL
4 water water
#
_entity_poly.entity_id   1
_entity_poly.type   'polypeptide(L)'
_entity_poly.pdbx_seq_one_letter_code
;MGSSHHHHHHSSHMGEGQGPKKQTRLGLEAKKEENLADWYSQVITKSEMIEYHDISGCYILRPWAYAIWEAIKDFFDAEI
KKLGVENCYFPMFVSQSALEKEKTHVADFAPEVAWVTRSGKTELAEPIAIRPTSETVMYPAYAKWVQSHRDLPIKLNQWC
NVVRWEFKHPQPFLRTREFLWQEGHSAFATMEEAAEEVLQILDLYAQVYEELLAIPVVKGRKTEKEKFAGGDYTTTIEAF
ISASGRAIQGGTSHHLGQNFSKMFEIVFEDPKIPGEKQFAYQNSWGLTTRTIGVMTMVHGDNMGLVLPPRVACVQVVIIP
CGITNALSEEDKEALIAKCNDYRRRLLSVNIRVRADLRDNYSPGWKFNHWELKGVPIRLEVGPRDMKSCQFVAVRRDTGE
KLTVAENEAETKLQAILEDIQVTLFTRASEDLKTHMVVANTMEDFQKILDSGKIVQIPFCGEIDCEDWIKKTTARDQDLE
PGAPSMGAKSLCIPFKPLCELQPGAKCVCGKNPAKYYTLFGRSY
;
_entity_poly.pdbx_strand_id   A,B
#
loop_
_chem_comp.id
_chem_comp.type
_chem_comp.name
_chem_comp.formula
EDO non-polymer 1,2-ETHANEDIOL 'C2 H6 O2'
W2H non-polymer (2~{S})-~{N}-[3-(4-azanylquinazolin-7-yl)phenyl]sulfonylpyrrolidine-2-carboxamide 'C19 H19 N5 O3 S'
#
# COMPACT_ATOMS: atom_id res chain seq x y z
N LEU A 28 12.93 -21.25 20.48
CA LEU A 28 12.45 -22.18 19.42
C LEU A 28 12.55 -23.62 19.90
N GLU A 29 11.47 -24.38 19.77
CA GLU A 29 11.54 -25.79 20.06
C GLU A 29 12.23 -26.51 18.90
N ALA A 30 11.85 -26.16 17.67
CA ALA A 30 12.29 -26.87 16.47
C ALA A 30 13.62 -26.32 15.98
N LYS A 31 14.31 -27.14 15.18
CA LYS A 31 15.61 -26.79 14.61
C LYS A 31 15.53 -26.85 13.09
N LYS A 32 16.26 -25.92 12.44
CA LYS A 32 16.16 -25.72 11.01
C LYS A 32 16.57 -26.99 10.25
N GLU A 33 17.63 -27.65 10.72
CA GLU A 33 18.15 -28.84 10.06
C GLU A 33 17.22 -30.02 10.31
N GLU A 34 16.59 -30.09 11.49
CA GLU A 34 15.79 -31.23 11.87
C GLU A 34 14.46 -31.25 11.12
N ASN A 35 13.67 -30.18 11.28
CA ASN A 35 12.35 -30.12 10.66
C ASN A 35 12.07 -28.70 10.19
N LEU A 36 12.20 -28.48 8.88
CA LEU A 36 12.21 -27.15 8.32
C LEU A 36 10.85 -26.48 8.51
N ALA A 37 9.76 -27.23 8.24
CA ALA A 37 8.41 -26.70 8.32
C ALA A 37 8.12 -26.17 9.71
N ASP A 38 8.40 -26.98 10.75
CA ASP A 38 8.12 -26.60 12.12
C ASP A 38 8.98 -25.41 12.54
N TRP A 39 10.25 -25.42 12.10
CA TRP A 39 11.16 -24.32 12.39
C TRP A 39 10.60 -23.01 11.84
N TYR A 40 10.26 -23.03 10.54
CA TYR A 40 9.76 -21.85 9.84
C TYR A 40 8.49 -21.34 10.51
N SER A 41 7.61 -22.28 10.86
CA SER A 41 6.33 -21.98 11.49
C SER A 41 6.55 -21.30 12.84
N GLN A 42 7.58 -21.74 13.57
CA GLN A 42 7.89 -21.18 14.88
C GLN A 42 8.57 -19.82 14.73
N VAL A 43 9.43 -19.68 13.71
CA VAL A 43 10.18 -18.45 13.51
C VAL A 43 9.22 -17.31 13.17
N ILE A 44 8.21 -17.58 12.33
CA ILE A 44 7.36 -16.52 11.82
C ILE A 44 6.39 -16.04 12.90
N THR A 45 5.96 -16.94 13.80
CA THR A 45 5.02 -16.59 14.85
C THR A 45 5.76 -15.94 16.03
N LYS A 46 6.90 -16.53 16.42
CA LYS A 46 7.61 -16.07 17.62
C LYS A 46 8.30 -14.73 17.37
N SER A 47 8.61 -14.43 16.09
CA SER A 47 9.14 -13.14 15.71
C SER A 47 8.03 -12.10 15.56
N GLU A 48 6.77 -12.55 15.69
CA GLU A 48 5.60 -11.68 15.65
C GLU A 48 5.46 -11.05 14.27
N MET A 49 5.71 -11.86 13.23
CA MET A 49 5.57 -11.44 11.85
C MET A 49 4.20 -11.87 11.30
N ILE A 50 3.81 -13.10 11.61
CA ILE A 50 2.64 -13.72 11.00
C ILE A 50 1.66 -14.13 12.09
N GLU A 51 0.37 -13.95 11.77
CA GLU A 51 -0.71 -14.57 12.53
C GLU A 51 -1.62 -15.27 11.52
N TYR A 52 -2.27 -16.35 11.97
CA TYR A 52 -3.10 -17.18 11.10
C TYR A 52 -4.51 -16.61 11.02
N HIS A 53 -5.18 -16.97 9.92
CA HIS A 53 -6.55 -16.57 9.63
C HIS A 53 -7.36 -17.85 9.46
N ASP A 54 -8.70 -17.72 9.48
CA ASP A 54 -9.59 -18.87 9.36
C ASP A 54 -9.90 -19.15 7.89
N ILE A 55 -9.35 -18.34 6.98
CA ILE A 55 -9.42 -18.61 5.56
C ILE A 55 -8.07 -19.19 5.14
N SER A 56 -8.09 -20.41 4.57
CA SER A 56 -6.87 -21.12 4.23
C SER A 56 -6.04 -20.32 3.21
N GLY A 57 -4.72 -20.28 3.44
CA GLY A 57 -3.79 -19.66 2.52
C GLY A 57 -3.64 -18.16 2.76
N CYS A 58 -4.33 -17.63 3.77
CA CYS A 58 -4.34 -16.19 4.06
C CYS A 58 -3.69 -15.95 5.41
N TYR A 59 -2.75 -15.00 5.46
CA TYR A 59 -1.99 -14.77 6.68
C TYR A 59 -1.99 -13.28 7.00
N ILE A 60 -2.01 -12.98 8.30
CA ILE A 60 -1.94 -11.61 8.79
C ILE A 60 -0.48 -11.17 8.78
N LEU A 61 -0.18 -10.06 8.09
CA LEU A 61 1.13 -9.45 8.15
C LEU A 61 1.16 -8.47 9.32
N ARG A 62 1.65 -8.95 10.47
CA ARG A 62 1.78 -8.13 11.65
C ARG A 62 2.81 -7.03 11.38
N PRO A 63 2.83 -5.93 12.17
CA PRO A 63 3.72 -4.79 11.92
C PRO A 63 5.16 -5.17 11.59
N TRP A 64 5.68 -6.16 12.32
CA TRP A 64 7.08 -6.54 12.20
C TRP A 64 7.39 -7.04 10.79
N ALA A 65 6.48 -7.84 10.22
CA ALA A 65 6.59 -8.26 8.84
C ALA A 65 6.35 -7.09 7.90
N TYR A 66 5.31 -6.31 8.19
CA TYR A 66 4.85 -5.27 7.28
C TYR A 66 5.95 -4.21 7.09
N ALA A 67 6.74 -3.97 8.13
CA ALA A 67 7.80 -2.97 8.07
C ALA A 67 8.85 -3.34 7.04
N ILE A 68 9.12 -4.65 6.91
CA ILE A 68 10.06 -5.15 5.93
C ILE A 68 9.54 -4.83 4.54
N TRP A 69 8.25 -5.08 4.32
CA TRP A 69 7.63 -4.78 3.05
C TRP A 69 7.67 -3.28 2.78
N GLU A 70 7.50 -2.46 3.81
CA GLU A 70 7.55 -1.01 3.67
C GLU A 70 8.96 -0.56 3.27
N ALA A 71 9.99 -1.22 3.80
CA ALA A 71 11.37 -0.89 3.45
C ALA A 71 11.64 -1.20 1.99
N ILE A 72 11.11 -2.33 1.50
CA ILE A 72 11.28 -2.74 0.12
C ILE A 72 10.60 -1.72 -0.79
N LYS A 73 9.40 -1.30 -0.38
CA LYS A 73 8.60 -0.33 -1.11
C LYS A 73 9.34 1.00 -1.24
N ASP A 74 9.93 1.49 -0.14
CA ASP A 74 10.61 2.77 -0.15
C ASP A 74 11.73 2.79 -1.18
N PHE A 75 12.48 1.68 -1.26
CA PHE A 75 13.64 1.58 -2.13
C PHE A 75 13.24 1.40 -3.60
N PHE A 76 12.31 0.48 -3.88
CA PHE A 76 11.93 0.14 -5.24
C PHE A 76 11.22 1.32 -5.91
N ASP A 77 10.42 2.03 -5.12
CA ASP A 77 9.66 3.17 -5.58
C ASP A 77 10.55 4.29 -6.08
N ALA A 78 11.60 4.58 -5.32
CA ALA A 78 12.54 5.65 -5.65
C ALA A 78 13.21 5.34 -6.97
N GLU A 79 13.59 4.07 -7.13
CA GLU A 79 14.29 3.59 -8.31
C GLU A 79 13.41 3.60 -9.54
N ILE A 80 12.15 3.18 -9.43
CA ILE A 80 11.33 3.12 -10.63
C ILE A 80 10.83 4.53 -10.99
N LYS A 81 10.83 5.47 -10.02
CA LYS A 81 10.51 6.85 -10.32
C LYS A 81 11.58 7.47 -11.21
N LYS A 82 12.85 7.09 -10.99
CA LYS A 82 13.95 7.59 -11.79
C LYS A 82 13.77 7.17 -13.26
N LEU A 83 13.09 6.04 -13.48
CA LEU A 83 12.91 5.49 -14.81
C LEU A 83 11.69 6.09 -15.51
N GLY A 84 10.94 6.97 -14.84
CA GLY A 84 9.80 7.64 -15.42
C GLY A 84 8.50 6.88 -15.17
N VAL A 85 8.52 5.95 -14.20
CA VAL A 85 7.35 5.17 -13.86
C VAL A 85 6.54 5.92 -12.80
N GLU A 86 5.22 5.84 -12.91
CA GLU A 86 4.32 6.53 -12.00
C GLU A 86 3.34 5.56 -11.36
N ASN A 87 2.99 5.86 -10.09
CA ASN A 87 2.05 5.05 -9.33
C ASN A 87 0.63 5.48 -9.66
N CYS A 88 -0.28 4.49 -9.56
CA CYS A 88 -1.69 4.66 -9.83
C CYS A 88 -2.45 3.61 -9.02
N TYR A 89 -3.77 3.56 -9.13
CA TYR A 89 -4.52 2.47 -8.54
C TYR A 89 -5.67 2.08 -9.45
N PHE A 90 -5.59 0.86 -9.99
CA PHE A 90 -6.64 0.31 -10.83
C PHE A 90 -7.60 -0.51 -9.98
N PRO A 91 -8.85 -0.70 -10.44
CA PRO A 91 -9.83 -1.52 -9.73
C PRO A 91 -9.46 -2.99 -9.56
N MET A 92 -9.98 -3.58 -8.47
CA MET A 92 -9.69 -4.94 -8.08
C MET A 92 -10.58 -5.92 -8.87
N PHE A 93 -11.63 -5.39 -9.50
CA PHE A 93 -12.60 -6.24 -10.18
C PHE A 93 -12.41 -6.14 -11.68
N VAL A 94 -12.52 -7.29 -12.35
CA VAL A 94 -12.42 -7.33 -13.80
C VAL A 94 -13.65 -8.05 -14.32
N SER A 95 -14.17 -7.58 -15.46
CA SER A 95 -15.31 -8.22 -16.10
C SER A 95 -14.85 -9.50 -16.80
N GLN A 96 -15.80 -10.44 -16.98
CA GLN A 96 -15.52 -11.69 -17.66
C GLN A 96 -15.04 -11.43 -19.09
N SER A 97 -15.65 -10.43 -19.73
CA SER A 97 -15.33 -10.10 -21.11
C SER A 97 -13.88 -9.64 -21.26
N ALA A 98 -13.40 -8.78 -20.35
CA ALA A 98 -12.06 -8.23 -20.42
C ALA A 98 -11.02 -9.31 -20.14
N LEU A 99 -11.29 -10.14 -19.13
CA LEU A 99 -10.39 -11.20 -18.71
C LEU A 99 -10.07 -12.14 -19.87
N GLU A 100 -11.04 -12.34 -20.77
CA GLU A 100 -10.96 -13.39 -21.78
C GLU A 100 -10.42 -12.89 -23.12
N LYS A 101 -9.99 -11.62 -23.20
CA LYS A 101 -9.64 -11.02 -24.49
C LYS A 101 -8.39 -11.67 -25.08
N GLU A 102 -7.35 -11.88 -24.25
CA GLU A 102 -6.13 -12.55 -24.69
C GLU A 102 -6.23 -14.01 -24.23
N LYS A 103 -6.24 -14.93 -25.20
CA LYS A 103 -6.79 -16.28 -25.03
C LYS A 103 -5.88 -17.19 -24.21
N THR A 104 -4.56 -17.14 -24.39
CA THR A 104 -3.70 -18.07 -23.68
C THR A 104 -3.48 -17.58 -22.25
N HIS A 105 -3.54 -16.26 -22.04
CA HIS A 105 -3.43 -15.67 -20.72
C HIS A 105 -4.61 -16.08 -19.84
N VAL A 106 -5.83 -16.01 -20.39
CA VAL A 106 -7.02 -16.37 -19.64
C VAL A 106 -7.05 -17.89 -19.43
N ALA A 107 -6.57 -18.65 -20.42
CA ALA A 107 -6.54 -20.10 -20.30
C ALA A 107 -5.73 -20.53 -19.08
N ASP A 108 -4.62 -19.84 -18.84
CA ASP A 108 -3.70 -20.18 -17.77
C ASP A 108 -4.29 -19.81 -16.41
N PHE A 109 -5.00 -18.68 -16.33
CA PHE A 109 -5.40 -18.10 -15.06
C PHE A 109 -6.86 -18.39 -14.69
N ALA A 110 -7.65 -18.94 -15.61
CA ALA A 110 -9.10 -19.06 -15.40
C ALA A 110 -9.41 -19.90 -14.16
N PRO A 111 -8.72 -21.05 -13.93
CA PRO A 111 -8.95 -21.84 -12.72
C PRO A 111 -8.56 -21.21 -11.38
N GLU A 112 -7.68 -20.20 -11.43
CA GLU A 112 -7.16 -19.57 -10.22
C GLU A 112 -7.96 -18.34 -9.83
N VAL A 113 -8.97 -17.97 -10.65
CA VAL A 113 -9.69 -16.73 -10.44
C VAL A 113 -10.87 -16.95 -9.48
N ALA A 114 -10.93 -16.12 -8.43
CA ALA A 114 -12.05 -16.09 -7.51
C ALA A 114 -13.15 -15.20 -8.09
N TRP A 115 -14.40 -15.69 -8.04
CA TRP A 115 -15.53 -14.99 -8.62
C TRP A 115 -16.48 -14.49 -7.53
N VAL A 116 -16.90 -13.23 -7.66
CA VAL A 116 -17.98 -12.66 -6.87
C VAL A 116 -19.30 -12.88 -7.62
N THR A 117 -20.29 -13.51 -6.98
CA THR A 117 -21.54 -13.81 -7.66
C THR A 117 -22.74 -13.14 -7.00
N ARG A 118 -22.55 -12.49 -5.84
CA ARG A 118 -23.68 -11.85 -5.19
C ARG A 118 -23.24 -10.75 -4.23
N SER A 119 -24.09 -9.72 -4.11
CA SER A 119 -23.94 -8.67 -3.12
C SER A 119 -25.04 -8.83 -2.09
N GLY A 120 -24.64 -9.04 -0.82
CA GLY A 120 -25.58 -9.36 0.24
C GLY A 120 -26.35 -10.63 -0.08
N LYS A 121 -27.60 -10.45 -0.54
CA LYS A 121 -28.48 -11.55 -0.88
C LYS A 121 -28.77 -11.59 -2.38
N THR A 122 -28.60 -10.44 -3.07
CA THR A 122 -28.96 -10.35 -4.48
C THR A 122 -27.86 -11.00 -5.32
N GLU A 123 -28.24 -11.96 -6.17
CA GLU A 123 -27.32 -12.53 -7.15
C GLU A 123 -27.02 -11.46 -8.20
N LEU A 124 -25.75 -11.37 -8.59
CA LEU A 124 -25.34 -10.46 -9.64
C LEU A 124 -25.77 -11.03 -10.99
N ALA A 125 -26.19 -10.15 -11.90
CA ALA A 125 -26.56 -10.56 -13.24
C ALA A 125 -25.35 -11.20 -13.92
N GLU A 126 -24.20 -10.53 -13.81
CA GLU A 126 -22.94 -11.06 -14.31
C GLU A 126 -21.96 -11.17 -13.15
N PRO A 127 -21.35 -12.36 -12.92
CA PRO A 127 -20.26 -12.48 -11.95
C PRO A 127 -19.03 -11.67 -12.37
N ILE A 128 -18.31 -11.15 -11.37
CA ILE A 128 -17.11 -10.36 -11.59
C ILE A 128 -15.93 -11.07 -10.91
N ALA A 129 -14.73 -10.86 -11.46
CA ALA A 129 -13.54 -11.58 -11.05
C ALA A 129 -12.63 -10.67 -10.24
N ILE A 130 -12.05 -11.24 -9.17
CA ILE A 130 -10.95 -10.60 -8.45
C ILE A 130 -9.68 -10.79 -9.26
N ARG A 131 -8.99 -9.68 -9.54
CA ARG A 131 -7.75 -9.68 -10.30
C ARG A 131 -6.78 -10.70 -9.73
N PRO A 132 -6.29 -11.67 -10.55
CA PRO A 132 -5.05 -12.40 -10.24
C PRO A 132 -3.82 -11.65 -10.73
N THR A 133 -4.06 -10.69 -11.63
CA THR A 133 -3.06 -9.85 -12.27
C THR A 133 -3.83 -8.90 -13.18
N SER A 134 -3.35 -7.66 -13.35
CA SER A 134 -4.22 -6.58 -13.78
C SER A 134 -4.03 -6.21 -15.26
N GLU A 135 -3.44 -7.11 -16.06
CA GLU A 135 -3.32 -6.88 -17.50
C GLU A 135 -4.67 -6.53 -18.12
N THR A 136 -5.69 -7.37 -17.87
CA THR A 136 -6.97 -7.25 -18.53
C THR A 136 -7.80 -6.11 -17.92
N VAL A 137 -7.40 -5.63 -16.74
CA VAL A 137 -8.03 -4.49 -16.10
C VAL A 137 -7.48 -3.19 -16.68
N MET A 138 -6.17 -3.16 -16.98
CA MET A 138 -5.46 -1.92 -17.30
C MET A 138 -5.47 -1.61 -18.79
N TYR A 139 -5.52 -2.64 -19.65
CA TYR A 139 -5.24 -2.44 -21.07
C TYR A 139 -6.41 -1.82 -21.81
N PRO A 140 -7.69 -1.98 -21.40
CA PRO A 140 -8.77 -1.20 -21.96
C PRO A 140 -8.59 0.31 -21.75
N ALA A 141 -7.96 0.69 -20.65
CA ALA A 141 -7.66 2.08 -20.35
C ALA A 141 -6.49 2.57 -21.19
N TYR A 142 -5.49 1.70 -21.40
CA TYR A 142 -4.33 2.03 -22.23
C TYR A 142 -4.77 2.29 -23.67
N ALA A 143 -5.76 1.50 -24.13
CA ALA A 143 -6.31 1.64 -25.46
C ALA A 143 -6.90 3.04 -25.66
N LYS A 144 -7.64 3.53 -24.66
CA LYS A 144 -8.25 4.85 -24.72
C LYS A 144 -7.18 5.94 -24.71
N TRP A 145 -6.18 5.80 -23.83
CA TRP A 145 -5.21 6.87 -23.60
C TRP A 145 -4.24 7.01 -24.76
N VAL A 146 -4.02 5.94 -25.54
CA VAL A 146 -3.08 6.02 -26.64
C VAL A 146 -3.85 6.43 -27.90
N GLN A 147 -3.73 7.72 -28.26
CA GLN A 147 -4.40 8.28 -29.43
C GLN A 147 -3.37 8.58 -30.52
N SER A 148 -2.14 8.92 -30.12
CA SER A 148 -1.05 9.15 -31.06
C SER A 148 0.26 8.67 -30.46
N HIS A 149 1.32 8.69 -31.28
CA HIS A 149 2.65 8.22 -30.89
C HIS A 149 3.23 9.05 -29.74
N ARG A 150 2.73 10.28 -29.57
CA ARG A 150 3.19 11.17 -28.53
C ARG A 150 2.70 10.67 -27.16
N ASP A 151 1.64 9.87 -27.14
CA ASP A 151 1.07 9.35 -25.91
C ASP A 151 1.89 8.19 -25.35
N LEU A 152 2.87 7.71 -26.13
CA LEU A 152 3.76 6.66 -25.63
C LEU A 152 5.10 7.30 -25.25
N PRO A 153 5.86 6.72 -24.29
CA PRO A 153 5.43 5.54 -23.54
C PRO A 153 4.50 5.82 -22.35
N ILE A 154 3.81 4.78 -21.90
CA ILE A 154 3.02 4.80 -20.68
C ILE A 154 3.68 3.85 -19.69
N LYS A 155 4.12 4.37 -18.54
CA LYS A 155 4.77 3.56 -17.52
C LYS A 155 4.04 3.73 -16.20
N LEU A 156 3.32 2.68 -15.80
CA LEU A 156 2.52 2.75 -14.59
C LEU A 156 2.86 1.57 -13.67
N ASN A 157 2.75 1.83 -12.37
CA ASN A 157 2.98 0.84 -11.33
C ASN A 157 1.89 0.99 -10.28
N GLN A 158 1.49 -0.11 -9.66
CA GLN A 158 0.60 -0.02 -8.53
C GLN A 158 1.02 -0.99 -7.43
N TRP A 159 0.83 -0.53 -6.20
CA TRP A 159 0.97 -1.36 -5.00
C TRP A 159 -0.41 -1.79 -4.56
N CYS A 160 -0.67 -3.10 -4.62
CA CYS A 160 -2.01 -3.59 -4.37
C CYS A 160 -1.95 -5.03 -3.89
N ASN A 161 -3.15 -5.58 -3.65
CA ASN A 161 -3.30 -6.96 -3.26
C ASN A 161 -3.86 -7.72 -4.45
N VAL A 162 -3.57 -9.01 -4.53
CA VAL A 162 -4.08 -9.80 -5.63
C VAL A 162 -4.38 -11.21 -5.11
N VAL A 163 -5.30 -11.92 -5.76
CA VAL A 163 -5.74 -13.22 -5.27
C VAL A 163 -5.56 -14.28 -6.37
N ARG A 164 -4.88 -15.37 -6.03
CA ARG A 164 -4.75 -16.49 -6.94
C ARG A 164 -5.07 -17.78 -6.21
N TRP A 165 -6.08 -18.48 -6.72
CA TRP A 165 -6.46 -19.78 -6.21
C TRP A 165 -5.67 -20.85 -6.96
N GLU A 166 -4.37 -20.95 -6.68
CA GLU A 166 -3.52 -21.88 -7.40
C GLU A 166 -3.65 -23.26 -6.77
N PHE A 167 -3.36 -24.29 -7.56
CA PHE A 167 -3.39 -25.66 -7.06
C PHE A 167 -2.02 -25.97 -6.48
N LYS A 168 -1.73 -25.39 -5.31
CA LYS A 168 -0.43 -25.53 -4.69
C LYS A 168 -0.63 -25.58 -3.18
N HIS A 169 0.37 -26.10 -2.48
CA HIS A 169 0.34 -26.12 -1.03
C HIS A 169 0.73 -24.74 -0.53
N PRO A 170 -0.18 -24.03 0.19
CA PRO A 170 0.10 -22.69 0.67
C PRO A 170 1.03 -22.62 1.90
N GLN A 171 2.01 -21.72 1.84
CA GLN A 171 2.93 -21.47 2.92
C GLN A 171 2.97 -19.96 3.16
N PRO A 172 3.02 -19.50 4.43
CA PRO A 172 3.18 -18.07 4.72
C PRO A 172 4.32 -17.43 3.94
N PHE A 173 4.02 -16.25 3.35
CA PHE A 173 4.92 -15.45 2.52
C PHE A 173 5.14 -16.10 1.14
N LEU A 174 5.64 -17.34 1.09
CA LEU A 174 6.14 -17.96 -0.13
C LEU A 174 5.02 -18.29 -1.11
N ARG A 175 3.87 -18.73 -0.59
CA ARG A 175 2.78 -19.20 -1.42
C ARG A 175 1.46 -18.92 -0.71
N THR A 176 0.91 -17.72 -0.91
CA THR A 176 -0.27 -17.32 -0.19
C THR A 176 -1.41 -17.03 -1.18
N ARG A 177 -2.64 -17.29 -0.72
CA ARG A 177 -3.83 -17.17 -1.55
C ARG A 177 -4.07 -15.71 -1.91
N GLU A 178 -3.90 -14.82 -0.93
CA GLU A 178 -3.84 -13.39 -1.18
C GLU A 178 -2.41 -12.93 -0.96
N PHE A 179 -1.91 -12.01 -1.79
CA PHE A 179 -0.59 -11.45 -1.53
C PHE A 179 -0.54 -9.98 -1.93
N LEU A 180 0.34 -9.26 -1.23
CA LEU A 180 0.70 -7.90 -1.59
C LEU A 180 1.84 -7.98 -2.60
N TRP A 181 1.82 -7.04 -3.56
CA TRP A 181 2.89 -6.93 -4.54
C TRP A 181 2.87 -5.54 -5.16
N GLN A 182 3.83 -5.30 -6.06
CA GLN A 182 3.73 -4.21 -7.01
C GLN A 182 3.63 -4.85 -8.39
N GLU A 183 2.91 -4.20 -9.31
CA GLU A 183 2.93 -4.60 -10.70
C GLU A 183 3.10 -3.37 -11.58
N GLY A 184 4.18 -3.38 -12.37
CA GLY A 184 4.44 -2.36 -13.37
C GLY A 184 4.03 -2.84 -14.75
N HIS A 185 3.32 -1.98 -15.48
CA HIS A 185 2.87 -2.25 -16.82
C HIS A 185 3.27 -1.06 -17.70
N SER A 186 4.11 -1.33 -18.70
CA SER A 186 4.65 -0.30 -19.57
C SER A 186 4.26 -0.57 -21.03
N ALA A 187 4.17 0.51 -21.81
CA ALA A 187 3.80 0.42 -23.21
C ALA A 187 4.69 1.37 -24.01
N PHE A 188 5.24 0.87 -25.13
CA PHE A 188 6.21 1.61 -25.91
C PHE A 188 5.87 1.55 -27.40
N ALA A 189 6.40 2.53 -28.13
CA ALA A 189 6.26 2.56 -29.57
C ALA A 189 7.07 1.43 -30.21
N THR A 190 8.26 1.13 -29.65
CA THR A 190 9.15 0.16 -30.27
C THR A 190 9.52 -0.95 -29.29
N MET A 191 9.87 -2.10 -29.88
CA MET A 191 10.27 -3.29 -29.14
C MET A 191 11.60 -3.04 -28.43
N GLU A 192 12.50 -2.28 -29.08
CA GLU A 192 13.84 -2.06 -28.58
C GLU A 192 13.79 -1.32 -27.24
N GLU A 193 12.85 -0.38 -27.14
CA GLU A 193 12.69 0.46 -25.96
C GLU A 193 12.13 -0.39 -24.82
N ALA A 194 11.17 -1.25 -25.15
CA ALA A 194 10.55 -2.16 -24.21
C ALA A 194 11.55 -3.20 -23.72
N ALA A 195 12.35 -3.75 -24.65
CA ALA A 195 13.32 -4.78 -24.30
C ALA A 195 14.30 -4.27 -23.25
N GLU A 196 14.73 -3.01 -23.40
CA GLU A 196 15.69 -2.40 -22.49
C GLU A 196 15.12 -2.29 -21.09
N GLU A 197 13.83 -1.93 -20.97
CA GLU A 197 13.20 -1.76 -19.67
C GLU A 197 13.16 -3.08 -18.90
N VAL A 198 12.90 -4.18 -19.63
CA VAL A 198 12.74 -5.49 -19.01
C VAL A 198 13.95 -5.77 -18.14
N LEU A 199 15.15 -5.62 -18.71
CA LEU A 199 16.40 -5.93 -18.02
C LEU A 199 16.69 -4.89 -16.94
N GLN A 200 16.27 -3.64 -17.16
CA GLN A 200 16.40 -2.62 -16.13
C GLN A 200 15.62 -3.02 -14.89
N ILE A 201 14.38 -3.50 -15.09
CA ILE A 201 13.55 -3.90 -13.97
C ILE A 201 14.15 -5.13 -13.29
N LEU A 202 14.65 -6.08 -14.09
CA LEU A 202 15.19 -7.31 -13.55
C LEU A 202 16.41 -7.02 -12.67
N ASP A 203 17.17 -5.96 -13.00
CA ASP A 203 18.34 -5.58 -12.23
C ASP A 203 17.94 -5.00 -10.88
N LEU A 204 16.87 -4.19 -10.87
CA LEU A 204 16.35 -3.60 -9.64
C LEU A 204 15.93 -4.69 -8.67
N TYR A 205 15.21 -5.70 -9.19
CA TYR A 205 14.78 -6.84 -8.40
C TYR A 205 16.00 -7.55 -7.80
N ALA A 206 17.05 -7.66 -8.61
CA ALA A 206 18.30 -8.27 -8.16
C ALA A 206 18.90 -7.43 -7.03
N GLN A 207 18.82 -6.10 -7.18
CA GLN A 207 19.30 -5.19 -6.14
C GLN A 207 18.47 -5.34 -4.88
N VAL A 208 17.15 -5.47 -5.03
CA VAL A 208 16.27 -5.64 -3.88
C VAL A 208 16.72 -6.88 -3.11
N TYR A 209 16.97 -7.98 -3.81
CA TYR A 209 17.37 -9.21 -3.16
C TYR A 209 18.80 -9.09 -2.61
N GLU A 210 19.73 -8.63 -3.44
CA GLU A 210 21.14 -8.74 -3.12
C GLU A 210 21.59 -7.69 -2.10
N GLU A 211 21.18 -6.42 -2.24
CA GLU A 211 21.76 -5.38 -1.40
C GLU A 211 20.80 -4.87 -0.32
N LEU A 212 19.55 -5.38 -0.31
CA LEU A 212 18.63 -5.10 0.78
C LEU A 212 18.47 -6.34 1.65
N LEU A 213 18.29 -7.50 1.03
CA LEU A 213 17.98 -8.72 1.76
C LEU A 213 19.21 -9.60 1.90
N ALA A 214 20.35 -9.20 1.30
CA ALA A 214 21.59 -9.95 1.34
C ALA A 214 21.40 -11.36 0.79
N ILE A 215 20.62 -11.48 -0.29
CA ILE A 215 20.32 -12.76 -0.92
C ILE A 215 20.82 -12.74 -2.36
N PRO A 216 21.76 -13.64 -2.72
CA PRO A 216 22.21 -13.77 -4.11
C PRO A 216 21.14 -14.37 -5.02
N VAL A 217 21.07 -13.88 -6.26
CA VAL A 217 20.08 -14.37 -7.20
C VAL A 217 20.77 -14.70 -8.52
N VAL A 218 20.08 -15.51 -9.33
CA VAL A 218 20.55 -15.90 -10.65
C VAL A 218 19.58 -15.32 -11.68
N LYS A 219 20.08 -14.40 -12.51
CA LYS A 219 19.27 -13.84 -13.58
C LYS A 219 19.19 -14.86 -14.71
N GLY A 220 18.02 -14.93 -15.36
CA GLY A 220 17.86 -15.90 -16.43
C GLY A 220 16.56 -15.69 -17.19
N ARG A 221 16.37 -16.50 -18.22
CA ARG A 221 15.13 -16.45 -18.99
C ARG A 221 14.37 -17.73 -18.71
N LYS A 222 13.05 -17.62 -18.51
CA LYS A 222 12.24 -18.80 -18.30
C LYS A 222 12.11 -19.59 -19.59
N THR A 223 11.86 -20.89 -19.45
CA THR A 223 11.67 -21.76 -20.59
C THR A 223 10.28 -21.55 -21.18
N GLU A 224 10.05 -22.15 -22.35
CA GLU A 224 8.77 -22.07 -23.04
C GLU A 224 7.62 -22.51 -22.15
N LYS A 225 7.85 -23.59 -21.39
CA LYS A 225 6.85 -24.17 -20.53
C LYS A 225 6.51 -23.25 -19.35
N GLU A 226 7.52 -22.54 -18.83
CA GLU A 226 7.38 -21.82 -17.58
C GLU A 226 7.21 -20.32 -17.81
N LYS A 227 7.25 -19.88 -19.08
CA LYS A 227 7.14 -18.47 -19.38
C LYS A 227 5.69 -18.02 -19.19
N PHE A 228 5.52 -16.71 -19.03
CA PHE A 228 4.24 -16.09 -18.70
C PHE A 228 3.27 -16.24 -19.87
N ALA A 229 2.03 -16.60 -19.56
CA ALA A 229 1.01 -16.81 -20.58
C ALA A 229 0.60 -15.46 -21.15
N GLY A 230 0.87 -15.24 -22.44
CA GLY A 230 0.51 -14.00 -23.11
C GLY A 230 1.72 -13.14 -23.42
N GLY A 231 2.89 -13.46 -22.85
CA GLY A 231 4.11 -12.72 -23.14
C GLY A 231 4.97 -13.41 -24.20
N ASP A 232 5.88 -12.66 -24.82
CA ASP A 232 6.84 -13.27 -25.73
C ASP A 232 7.95 -13.95 -24.94
N TYR A 233 8.46 -13.29 -23.89
CA TYR A 233 9.48 -13.91 -23.07
C TYR A 233 9.45 -13.33 -21.66
N THR A 234 9.97 -14.12 -20.72
CA THR A 234 9.93 -13.79 -19.31
C THR A 234 11.33 -13.85 -18.72
N THR A 235 11.72 -12.83 -17.95
CA THR A 235 12.99 -12.91 -17.23
C THR A 235 12.69 -13.10 -15.75
N THR A 236 13.64 -13.63 -15.01
CA THR A 236 13.38 -13.98 -13.63
C THR A 236 14.67 -13.94 -12.82
N ILE A 237 14.51 -13.83 -11.51
CA ILE A 237 15.62 -14.07 -10.61
C ILE A 237 15.26 -15.29 -9.77
N GLU A 238 16.23 -16.19 -9.60
CA GLU A 238 16.03 -17.39 -8.82
C GLU A 238 16.92 -17.30 -7.57
N ALA A 239 16.30 -17.64 -6.43
CA ALA A 239 17.01 -17.66 -5.15
C ALA A 239 17.06 -19.10 -4.67
N PHE A 240 18.03 -19.40 -3.81
CA PHE A 240 18.24 -20.76 -3.35
C PHE A 240 18.11 -20.82 -1.83
N ILE A 241 17.36 -21.81 -1.35
CA ILE A 241 17.23 -22.07 0.07
C ILE A 241 18.04 -23.33 0.40
N SER A 242 19.18 -23.13 1.07
CA SER A 242 20.09 -24.21 1.43
C SER A 242 19.35 -25.36 2.12
N ALA A 243 18.49 -25.02 3.09
CA ALA A 243 17.95 -25.99 4.02
C ALA A 243 17.19 -27.11 3.31
N SER A 244 16.27 -26.72 2.41
CA SER A 244 15.37 -27.68 1.79
C SER A 244 15.91 -28.17 0.44
N GLY A 245 16.97 -27.53 -0.05
CA GLY A 245 17.55 -27.86 -1.34
C GLY A 245 16.73 -27.33 -2.50
N ARG A 246 15.83 -26.36 -2.23
CA ARG A 246 14.90 -25.90 -3.23
C ARG A 246 15.20 -24.45 -3.61
N ALA A 247 14.80 -24.12 -4.85
CA ALA A 247 14.96 -22.79 -5.41
C ALA A 247 13.59 -22.13 -5.47
N ILE A 248 13.58 -20.79 -5.55
CA ILE A 248 12.33 -20.05 -5.62
C ILE A 248 12.53 -18.80 -6.48
N GLN A 249 11.46 -18.43 -7.19
CA GLN A 249 11.44 -17.25 -8.03
C GLN A 249 11.26 -16.02 -7.14
N GLY A 250 12.14 -15.03 -7.32
CA GLY A 250 12.14 -13.83 -6.49
C GLY A 250 11.31 -12.70 -7.12
N GLY A 251 11.32 -12.64 -8.45
CA GLY A 251 10.55 -11.67 -9.21
C GLY A 251 10.69 -11.97 -10.70
N THR A 252 9.81 -11.37 -11.53
CA THR A 252 9.85 -11.61 -12.96
C THR A 252 9.49 -10.34 -13.73
N SER A 253 10.13 -10.22 -14.90
CA SER A 253 9.95 -9.11 -15.83
C SER A 253 9.67 -9.70 -17.21
N HIS A 254 8.49 -9.41 -17.77
CA HIS A 254 8.09 -10.03 -19.03
C HIS A 254 8.11 -9.01 -20.16
N HIS A 255 8.43 -9.51 -21.36
CA HIS A 255 8.12 -8.80 -22.57
C HIS A 255 6.87 -9.43 -23.18
N LEU A 256 5.80 -8.64 -23.25
CA LEU A 256 4.50 -9.11 -23.72
C LEU A 256 4.35 -8.87 -25.21
N GLY A 257 5.35 -8.23 -25.82
CA GLY A 257 5.31 -7.91 -27.24
C GLY A 257 4.02 -7.18 -27.59
N GLN A 258 3.31 -7.71 -28.58
CA GLN A 258 2.07 -7.11 -29.06
C GLN A 258 0.90 -8.06 -28.84
N ASN A 259 1.08 -9.07 -27.99
CA ASN A 259 0.03 -10.07 -27.79
C ASN A 259 -1.19 -9.42 -27.19
N PHE A 260 -0.98 -8.52 -26.22
CA PHE A 260 -2.07 -7.83 -25.57
C PHE A 260 -2.56 -6.65 -26.42
N SER A 261 -1.65 -5.96 -27.13
CA SER A 261 -2.06 -4.75 -27.84
C SER A 261 -2.94 -5.08 -29.05
N LYS A 262 -2.77 -6.27 -29.64
CA LYS A 262 -3.62 -6.69 -30.74
C LYS A 262 -5.02 -7.02 -30.23
N MET A 263 -5.12 -7.49 -28.99
CA MET A 263 -6.40 -7.89 -28.42
C MET A 263 -7.16 -6.68 -27.86
N PHE A 264 -6.43 -5.71 -27.27
CA PHE A 264 -7.09 -4.58 -26.61
C PHE A 264 -7.10 -3.34 -27.49
N GLU A 265 -6.50 -3.42 -28.69
CA GLU A 265 -6.46 -2.32 -29.65
C GLU A 265 -5.73 -1.12 -29.06
N ILE A 266 -4.56 -1.35 -28.46
CA ILE A 266 -3.68 -0.26 -28.08
C ILE A 266 -2.83 0.06 -29.31
N VAL A 267 -3.27 1.06 -30.07
CA VAL A 267 -2.76 1.30 -31.41
C VAL A 267 -2.48 2.79 -31.59
N PHE A 268 -1.56 3.08 -32.52
CA PHE A 268 -1.19 4.44 -32.86
C PHE A 268 -0.69 4.46 -34.29
N GLU A 269 -0.67 5.64 -34.89
CA GLU A 269 -0.17 5.82 -36.25
C GLU A 269 1.26 6.35 -36.17
N ASP A 270 2.17 5.64 -36.84
CA ASP A 270 3.56 6.07 -36.92
C ASP A 270 3.66 7.21 -37.92
N PRO A 271 4.32 8.34 -37.58
CA PRO A 271 4.52 9.43 -38.54
C PRO A 271 5.22 8.96 -39.82
N LYS A 272 6.21 8.06 -39.66
CA LYS A 272 7.00 7.59 -40.77
C LYS A 272 6.25 6.54 -41.60
N ILE A 273 5.19 5.94 -41.06
CA ILE A 273 4.46 4.91 -41.78
C ILE A 273 3.00 5.34 -41.92
N PRO A 274 2.69 6.23 -42.89
CA PRO A 274 1.36 6.84 -42.98
C PRO A 274 0.18 5.88 -43.13
N GLY A 275 -0.88 6.14 -42.36
CA GLY A 275 -2.18 5.51 -42.57
C GLY A 275 -2.24 4.06 -42.06
N GLU A 276 -1.18 3.61 -41.37
CA GLU A 276 -1.10 2.23 -40.91
C GLU A 276 -1.02 2.22 -39.38
N LYS A 277 -1.84 1.37 -38.76
CA LYS A 277 -1.96 1.34 -37.32
C LYS A 277 -0.92 0.37 -36.76
N GLN A 278 -0.08 0.89 -35.84
CA GLN A 278 0.94 0.10 -35.17
C GLN A 278 0.38 -0.37 -33.84
N PHE A 279 0.87 -1.54 -33.39
CA PHE A 279 0.52 -2.06 -32.07
C PHE A 279 1.66 -1.76 -31.11
N ALA A 280 1.33 -1.36 -29.88
CA ALA A 280 2.33 -1.01 -28.89
C ALA A 280 2.99 -2.28 -28.35
N TYR A 281 4.27 -2.11 -27.95
CA TYR A 281 5.04 -3.15 -27.31
C TYR A 281 4.94 -2.96 -25.81
N GLN A 282 4.75 -4.05 -25.06
CA GLN A 282 4.42 -3.95 -23.65
C GLN A 282 5.23 -4.90 -22.79
N ASN A 283 5.38 -4.50 -21.53
CA ASN A 283 6.13 -5.24 -20.52
C ASN A 283 5.26 -5.37 -19.27
N SER A 284 5.48 -6.44 -18.51
CA SER A 284 4.84 -6.65 -17.23
C SER A 284 5.92 -6.96 -16.23
N TRP A 285 5.88 -6.40 -15.02
CA TRP A 285 6.86 -6.83 -14.04
C TRP A 285 6.26 -6.87 -12.63
N GLY A 286 6.64 -7.86 -11.83
CA GLY A 286 6.01 -8.02 -10.52
C GLY A 286 6.93 -8.59 -9.43
N LEU A 287 6.72 -8.12 -8.19
CA LEU A 287 7.44 -8.59 -7.01
C LEU A 287 6.48 -8.58 -5.82
N THR A 288 6.56 -9.60 -4.95
CA THR A 288 5.54 -9.80 -3.94
C THR A 288 6.18 -9.91 -2.55
N THR A 289 5.33 -10.11 -1.54
CA THR A 289 5.75 -10.35 -0.17
C THR A 289 6.37 -11.75 -0.02
N ARG A 290 6.54 -12.49 -1.12
CA ARG A 290 7.31 -13.72 -1.10
C ARG A 290 8.73 -13.45 -0.62
N THR A 291 9.27 -12.29 -0.99
CA THR A 291 10.60 -11.82 -0.59
C THR A 291 10.86 -12.07 0.90
N ILE A 292 9.88 -11.76 1.73
CA ILE A 292 10.05 -11.79 3.17
C ILE A 292 10.30 -13.24 3.61
N GLY A 293 9.57 -14.18 2.99
CA GLY A 293 9.74 -15.59 3.30
C GLY A 293 11.13 -16.08 2.91
N VAL A 294 11.63 -15.60 1.77
CA VAL A 294 12.92 -16.00 1.26
C VAL A 294 14.00 -15.53 2.23
N MET A 295 13.85 -14.29 2.71
CA MET A 295 14.76 -13.69 3.68
C MET A 295 14.79 -14.53 4.96
N THR A 296 13.63 -15.04 5.38
CA THR A 296 13.54 -15.83 6.60
C THR A 296 14.24 -17.17 6.39
N MET A 297 13.95 -17.84 5.27
CA MET A 297 14.46 -19.17 5.00
C MET A 297 15.98 -19.15 4.82
N VAL A 298 16.50 -18.09 4.20
CA VAL A 298 17.92 -17.99 3.91
C VAL A 298 18.71 -17.66 5.18
N HIS A 299 18.34 -16.60 5.91
CA HIS A 299 19.16 -16.11 6.99
C HIS A 299 18.72 -16.61 8.37
N GLY A 300 17.48 -17.08 8.48
CA GLY A 300 16.96 -17.51 9.78
C GLY A 300 17.82 -18.62 10.38
N ASP A 301 17.97 -18.61 11.71
CA ASP A 301 18.80 -19.61 12.36
C ASP A 301 18.01 -20.27 13.48
N ASN A 302 18.69 -20.99 14.37
CA ASN A 302 18.03 -21.71 15.43
C ASN A 302 17.74 -20.81 16.63
N MET A 303 18.23 -19.58 16.62
CA MET A 303 17.88 -18.63 17.67
C MET A 303 16.79 -17.69 17.17
N GLY A 304 16.34 -17.85 15.91
CA GLY A 304 15.20 -17.12 15.40
C GLY A 304 15.44 -16.49 14.03
N LEU A 305 14.76 -15.37 13.80
CA LEU A 305 14.84 -14.60 12.59
C LEU A 305 16.15 -13.82 12.57
N VAL A 306 16.68 -13.54 11.39
CA VAL A 306 17.85 -12.68 11.28
C VAL A 306 17.54 -11.59 10.26
N LEU A 307 17.53 -10.34 10.71
CA LEU A 307 17.17 -9.25 9.82
C LEU A 307 18.45 -8.65 9.23
N PRO A 308 18.51 -8.54 7.89
CA PRO A 308 19.54 -7.73 7.24
C PRO A 308 19.33 -6.30 7.69
N PRO A 309 20.38 -5.60 8.18
CA PRO A 309 20.28 -4.21 8.63
C PRO A 309 19.58 -3.23 7.68
N ARG A 310 19.67 -3.48 6.37
CA ARG A 310 19.08 -2.58 5.39
C ARG A 310 17.56 -2.54 5.49
N VAL A 311 16.92 -3.65 5.89
CA VAL A 311 15.47 -3.72 5.90
C VAL A 311 14.93 -3.82 7.34
N ALA A 312 15.82 -3.77 8.34
CA ALA A 312 15.39 -3.95 9.72
C ALA A 312 14.63 -2.72 10.21
N CYS A 313 13.40 -2.95 10.70
CA CYS A 313 12.55 -1.96 11.33
C CYS A 313 13.32 -1.32 12.49
N VAL A 314 13.90 -2.18 13.32
CA VAL A 314 14.78 -1.77 14.40
C VAL A 314 16.16 -2.36 14.13
N GLN A 315 17.19 -1.50 14.05
CA GLN A 315 18.54 -1.94 13.77
C GLN A 315 19.29 -2.21 15.08
N VAL A 316 19.05 -1.37 16.09
CA VAL A 316 19.68 -1.52 17.39
C VAL A 316 18.58 -1.42 18.45
N VAL A 317 18.61 -2.33 19.43
CA VAL A 317 17.69 -2.28 20.55
C VAL A 317 18.51 -2.07 21.82
N ILE A 318 18.11 -1.10 22.63
CA ILE A 318 18.84 -0.77 23.84
C ILE A 318 18.05 -1.33 25.03
N ILE A 319 18.77 -2.09 25.88
CA ILE A 319 18.17 -2.76 27.02
C ILE A 319 18.94 -2.35 28.27
N PRO A 320 18.25 -1.84 29.32
CA PRO A 320 18.86 -1.66 30.64
C PRO A 320 19.13 -2.97 31.37
N CYS A 321 20.29 -3.04 32.05
CA CYS A 321 20.69 -4.19 32.85
C CYS A 321 21.04 -3.74 34.27
N GLY A 322 21.01 -4.68 35.22
CA GLY A 322 21.52 -4.44 36.56
C GLY A 322 20.50 -3.76 37.48
N ILE A 323 19.26 -3.60 37.01
CA ILE A 323 18.18 -3.07 37.82
C ILE A 323 17.68 -4.19 38.75
N LEU A 327 18.68 -0.58 43.51
CA LEU A 327 19.07 0.83 43.22
C LEU A 327 17.95 1.77 43.64
N SER A 328 18.25 3.07 43.64
CA SER A 328 17.27 4.10 43.98
C SER A 328 16.43 4.45 42.75
N GLU A 329 15.35 5.21 42.99
CA GLU A 329 14.48 5.65 41.91
C GLU A 329 15.24 6.60 41.01
N GLU A 330 16.06 7.49 41.61
CA GLU A 330 16.89 8.42 40.87
C GLU A 330 17.91 7.67 40.02
N ASP A 331 18.55 6.66 40.63
CA ASP A 331 19.56 5.87 39.94
C ASP A 331 18.94 5.16 38.75
N LYS A 332 17.73 4.60 38.93
CA LYS A 332 17.05 3.89 37.86
C LYS A 332 16.75 4.86 36.72
N GLU A 333 16.30 6.08 37.07
CA GLU A 333 15.94 7.08 36.07
C GLU A 333 17.16 7.48 35.25
N ALA A 334 18.31 7.66 35.92
CA ALA A 334 19.53 8.07 35.27
C ALA A 334 20.01 7.02 34.27
N LEU A 335 19.85 5.75 34.63
CA LEU A 335 20.21 4.64 33.75
C LEU A 335 19.30 4.65 32.53
N ILE A 336 18.01 4.93 32.76
CA ILE A 336 17.06 5.05 31.65
C ILE A 336 17.46 6.20 30.75
N ALA A 337 17.90 7.32 31.37
CA ALA A 337 18.24 8.51 30.61
C ALA A 337 19.45 8.25 29.72
N LYS A 338 20.37 7.40 30.18
CA LYS A 338 21.55 7.02 29.43
C LYS A 338 21.16 6.24 28.18
N CYS A 339 20.21 5.33 28.37
CA CYS A 339 19.70 4.50 27.29
C CYS A 339 19.07 5.37 26.22
N ASN A 340 18.29 6.35 26.67
CA ASN A 340 17.57 7.24 25.78
C ASN A 340 18.52 8.21 25.08
N ASP A 341 19.68 8.50 25.70
CA ASP A 341 20.67 9.36 25.09
C ASP A 341 21.32 8.61 23.92
N TYR A 342 21.63 7.33 24.15
CA TYR A 342 22.11 6.44 23.11
C TYR A 342 21.11 6.39 21.96
N ARG A 343 19.82 6.34 22.33
CA ARG A 343 18.76 6.29 21.33
C ARG A 343 18.81 7.54 20.46
N ARG A 344 18.95 8.71 21.11
CA ARG A 344 18.98 9.99 20.43
C ARG A 344 20.18 10.08 19.51
N ARG A 345 21.34 9.63 20.01
CA ARG A 345 22.58 9.71 19.25
C ARG A 345 22.45 8.90 17.96
N LEU A 346 21.89 7.70 18.10
CA LEU A 346 21.74 6.80 16.96
C LEU A 346 20.69 7.32 16.00
N LEU A 347 19.64 7.96 16.53
CA LEU A 347 18.60 8.54 15.70
C LEU A 347 19.17 9.66 14.83
N SER A 348 20.13 10.41 15.36
CA SER A 348 20.70 11.57 14.68
C SER A 348 21.60 11.14 13.52
N VAL A 349 22.06 9.88 13.51
CA VAL A 349 22.92 9.39 12.45
C VAL A 349 22.16 8.40 11.56
N ASN A 350 20.82 8.47 11.59
CA ASN A 350 19.95 7.67 10.74
C ASN A 350 19.99 6.18 11.08
N ILE A 351 20.39 5.83 12.30
CA ILE A 351 20.25 4.45 12.76
C ILE A 351 18.85 4.29 13.37
N ARG A 352 18.15 3.23 12.96
CA ARG A 352 16.81 2.95 13.46
C ARG A 352 16.95 2.17 14.77
N VAL A 353 16.48 2.79 15.85
CA VAL A 353 16.81 2.35 17.20
C VAL A 353 15.56 2.40 18.06
N ARG A 354 15.36 1.36 18.88
CA ARG A 354 14.34 1.37 19.91
C ARG A 354 15.00 1.07 21.25
N ALA A 355 14.53 1.75 22.30
CA ALA A 355 14.94 1.45 23.66
C ALA A 355 13.81 0.72 24.37
N ASP A 356 14.08 -0.52 24.79
CA ASP A 356 13.06 -1.30 25.48
C ASP A 356 13.14 -1.02 26.98
N LEU A 357 12.25 -0.14 27.45
CA LEU A 357 12.29 0.37 28.81
C LEU A 357 11.21 -0.24 29.70
N ARG A 358 10.51 -1.25 29.19
CA ARG A 358 9.38 -1.81 29.90
C ARG A 358 9.83 -2.37 31.25
N ASP A 359 9.05 -2.06 32.29
CA ASP A 359 9.30 -2.51 33.65
C ASP A 359 8.98 -3.99 33.84
N ASN A 360 8.06 -4.51 33.00
CA ASN A 360 7.40 -5.79 33.22
C ASN A 360 8.27 -6.97 32.80
N TYR A 361 9.24 -6.73 31.92
CA TYR A 361 10.05 -7.84 31.43
C TYR A 361 11.50 -7.67 31.90
N SER A 362 12.10 -8.80 32.29
CA SER A 362 13.48 -8.83 32.71
C SER A 362 14.41 -8.68 31.50
N PRO A 363 15.65 -8.20 31.72
CA PRO A 363 16.62 -8.07 30.62
C PRO A 363 16.74 -9.36 29.81
N GLY A 364 16.85 -10.49 30.51
CA GLY A 364 17.03 -11.78 29.87
C GLY A 364 15.89 -12.12 28.93
N TRP A 365 14.66 -11.82 29.38
CA TRP A 365 13.47 -11.99 28.57
C TRP A 365 13.58 -11.15 27.31
N LYS A 366 13.97 -9.88 27.51
CA LYS A 366 14.12 -8.93 26.42
C LYS A 366 15.15 -9.42 25.39
N PHE A 367 16.28 -9.92 25.88
CA PHE A 367 17.35 -10.42 25.02
C PHE A 367 16.79 -11.47 24.06
N ASN A 368 16.03 -12.40 24.63
CA ASN A 368 15.51 -13.52 23.88
C ASN A 368 14.47 -13.01 22.88
N HIS A 369 13.63 -12.10 23.34
CA HIS A 369 12.54 -11.56 22.55
C HIS A 369 13.07 -10.89 21.30
N TRP A 370 14.10 -10.06 21.47
CA TRP A 370 14.66 -9.33 20.36
C TRP A 370 15.55 -10.24 19.51
N GLU A 371 16.11 -11.28 20.12
CA GLU A 371 16.88 -12.26 19.38
C GLU A 371 15.94 -13.00 18.42
N LEU A 372 14.76 -13.37 18.93
CA LEU A 372 13.76 -14.08 18.15
C LEU A 372 13.32 -13.24 16.96
N LYS A 373 13.26 -11.93 17.15
CA LYS A 373 12.83 -11.02 16.11
C LYS A 373 13.97 -10.64 15.17
N GLY A 374 15.21 -11.00 15.53
CA GLY A 374 16.32 -10.88 14.62
C GLY A 374 16.92 -9.47 14.55
N VAL A 375 16.73 -8.67 15.60
CA VAL A 375 17.32 -7.34 15.64
C VAL A 375 18.82 -7.48 15.49
N PRO A 376 19.47 -6.74 14.55
CA PRO A 376 20.90 -6.87 14.30
C PRO A 376 21.81 -6.68 15.51
N ILE A 377 21.54 -5.66 16.33
CA ILE A 377 22.42 -5.34 17.46
C ILE A 377 21.58 -5.14 18.71
N ARG A 378 21.99 -5.83 19.78
CA ARG A 378 21.51 -5.56 21.12
C ARG A 378 22.54 -4.67 21.82
N LEU A 379 22.08 -3.54 22.36
CA LEU A 379 22.93 -2.64 23.11
C LEU A 379 22.61 -2.80 24.60
N GLU A 380 23.58 -3.30 25.38
CA GLU A 380 23.37 -3.53 26.80
C GLU A 380 24.02 -2.43 27.62
N VAL A 381 23.26 -1.88 28.58
CA VAL A 381 23.74 -0.82 29.44
C VAL A 381 23.34 -1.11 30.87
N GLY A 382 24.34 -1.32 31.73
CA GLY A 382 24.14 -1.47 33.17
C GLY A 382 24.85 -0.36 33.95
N PRO A 383 24.59 -0.23 35.27
CA PRO A 383 25.30 0.75 36.11
C PRO A 383 26.82 0.79 36.00
N ARG A 384 27.47 -0.38 35.99
CA ARG A 384 28.92 -0.47 35.95
C ARG A 384 29.45 0.11 34.64
N ASP A 385 28.72 -0.16 33.55
CA ASP A 385 29.10 0.28 32.21
C ASP A 385 28.94 1.79 32.10
N MET A 386 27.89 2.33 32.71
CA MET A 386 27.59 3.75 32.69
C MET A 386 28.71 4.51 33.42
N LYS A 387 29.13 4.02 34.58
CA LYS A 387 30.17 4.64 35.38
C LYS A 387 31.51 4.58 34.65
N SER A 388 31.68 3.51 33.86
CA SER A 388 32.93 3.24 33.16
C SER A 388 32.97 3.89 31.78
N CYS A 389 31.82 4.43 31.33
CA CYS A 389 31.67 5.10 30.04
C CYS A 389 31.85 4.12 28.88
N GLN A 390 31.16 2.97 28.99
CA GLN A 390 31.18 1.94 27.96
C GLN A 390 29.80 1.30 27.88
N PHE A 391 29.58 0.49 26.85
CA PHE A 391 28.36 -0.30 26.73
C PHE A 391 28.68 -1.58 25.99
N VAL A 392 27.74 -2.54 26.02
CA VAL A 392 27.95 -3.83 25.39
C VAL A 392 27.07 -3.93 24.14
N ALA A 393 27.70 -4.31 23.03
CA ALA A 393 27.02 -4.60 21.77
C ALA A 393 27.09 -6.09 21.48
N VAL A 394 25.97 -6.67 21.04
CA VAL A 394 25.92 -8.09 20.70
C VAL A 394 25.31 -8.24 19.31
N ARG A 395 26.12 -8.77 18.38
CA ARG A 395 25.70 -9.01 17.01
C ARG A 395 24.77 -10.23 16.98
N ARG A 396 23.76 -10.17 16.11
CA ARG A 396 22.75 -11.21 16.05
C ARG A 396 23.24 -12.37 15.19
N ASP A 397 23.99 -12.06 14.13
CA ASP A 397 24.43 -13.05 13.16
C ASP A 397 25.40 -14.05 13.81
N THR A 398 26.40 -13.53 14.53
CA THR A 398 27.47 -14.34 15.08
C THR A 398 27.26 -14.59 16.57
N GLY A 399 26.75 -13.57 17.28
CA GLY A 399 26.60 -13.63 18.72
C GLY A 399 27.81 -13.04 19.44
N GLU A 400 28.66 -12.31 18.71
CA GLU A 400 29.86 -11.71 19.26
C GLU A 400 29.47 -10.59 20.21
N LYS A 401 29.91 -10.70 21.47
CA LYS A 401 29.79 -9.63 22.45
C LYS A 401 31.04 -8.77 22.38
N LEU A 402 30.86 -7.46 22.50
CA LEU A 402 31.91 -6.50 22.23
C LEU A 402 31.73 -5.32 23.18
N THR A 403 32.82 -4.80 23.76
CA THR A 403 32.74 -3.68 24.68
C THR A 403 33.21 -2.41 23.96
N VAL A 404 32.30 -1.44 23.83
CA VAL A 404 32.55 -0.22 23.07
C VAL A 404 32.55 0.97 24.01
N ALA A 405 33.42 1.94 23.72
CA ALA A 405 33.51 3.18 24.47
C ALA A 405 32.32 4.06 24.16
N GLU A 406 31.85 4.81 25.17
CA GLU A 406 30.63 5.58 25.09
C GLU A 406 30.67 6.54 23.91
N ASN A 407 31.83 7.12 23.63
CA ASN A 407 31.97 8.19 22.66
C ASN A 407 32.03 7.65 21.23
N GLU A 408 32.29 6.34 21.07
CA GLU A 408 32.48 5.75 19.75
C GLU A 408 31.21 5.03 19.29
N ALA A 409 30.05 5.41 19.84
CA ALA A 409 28.82 4.68 19.64
C ALA A 409 28.36 4.75 18.18
N GLU A 410 28.29 5.97 17.64
CA GLU A 410 27.72 6.21 16.32
C GLU A 410 28.51 5.45 15.25
N THR A 411 29.83 5.64 15.24
CA THR A 411 30.67 5.15 14.14
C THR A 411 30.86 3.63 14.24
N LYS A 412 31.01 3.12 15.47
CA LYS A 412 31.29 1.71 15.68
C LYS A 412 30.07 0.85 15.34
N LEU A 413 28.89 1.29 15.79
CA LEU A 413 27.66 0.54 15.56
C LEU A 413 27.28 0.62 14.08
N GLN A 414 27.50 1.79 13.47
CA GLN A 414 27.27 1.95 12.04
C GLN A 414 28.16 0.98 11.28
N ALA A 415 29.41 0.83 11.74
CA ALA A 415 30.36 -0.06 11.11
C ALA A 415 29.91 -1.51 11.26
N ILE A 416 29.40 -1.86 12.46
CA ILE A 416 28.98 -3.23 12.74
C ILE A 416 27.78 -3.59 11.87
N LEU A 417 26.86 -2.63 11.68
CA LEU A 417 25.66 -2.86 10.87
C LEU A 417 26.06 -3.09 9.42
N GLU A 418 26.98 -2.27 8.90
CA GLU A 418 27.47 -2.40 7.55
C GLU A 418 28.09 -3.78 7.35
N ASP A 419 28.75 -4.28 8.41
CA ASP A 419 29.46 -5.54 8.37
C ASP A 419 28.51 -6.73 8.47
N ILE A 420 27.42 -6.58 9.25
CA ILE A 420 26.45 -7.66 9.37
C ILE A 420 25.83 -7.93 7.99
N GLN A 421 25.53 -6.86 7.26
CA GLN A 421 24.91 -6.95 5.94
C GLN A 421 25.81 -7.73 4.98
N VAL A 422 27.12 -7.41 5.00
CA VAL A 422 28.08 -8.01 4.09
C VAL A 422 28.26 -9.49 4.43
N THR A 423 28.27 -9.83 5.73
CA THR A 423 28.50 -11.18 6.19
C THR A 423 27.33 -12.09 5.79
N LEU A 424 26.11 -11.55 5.85
CA LEU A 424 24.91 -12.30 5.50
C LEU A 424 24.92 -12.61 4.00
N PHE A 425 25.26 -11.60 3.20
CA PHE A 425 25.35 -11.74 1.76
C PHE A 425 26.52 -12.66 1.38
N THR A 426 27.64 -12.49 2.10
CA THR A 426 28.83 -13.30 1.85
C THR A 426 28.56 -14.77 2.17
N ARG A 427 27.94 -15.02 3.33
CA ARG A 427 27.60 -16.39 3.73
C ARG A 427 26.70 -17.04 2.69
N ALA A 428 25.69 -16.29 2.23
CA ALA A 428 24.71 -16.82 1.30
C ALA A 428 25.32 -17.04 -0.08
N SER A 429 26.22 -16.13 -0.50
CA SER A 429 26.88 -16.23 -1.79
C SER A 429 27.73 -17.48 -1.88
N GLU A 430 28.45 -17.79 -0.79
CA GLU A 430 29.27 -18.99 -0.72
C GLU A 430 28.38 -20.24 -0.77
N ASP A 431 27.20 -20.16 -0.11
CA ASP A 431 26.29 -21.28 -0.03
C ASP A 431 25.63 -21.52 -1.39
N LEU A 432 25.34 -20.44 -2.13
CA LEU A 432 24.80 -20.54 -3.48
C LEU A 432 25.86 -21.14 -4.40
N LYS A 433 27.08 -20.61 -4.32
CA LYS A 433 28.16 -20.96 -5.24
C LYS A 433 28.39 -22.47 -5.27
N THR A 434 28.39 -23.10 -4.08
CA THR A 434 28.77 -24.50 -3.96
C THR A 434 27.58 -25.43 -4.25
N HIS A 435 26.35 -24.90 -4.15
CA HIS A 435 25.15 -25.72 -4.30
C HIS A 435 24.61 -25.65 -5.73
N MET A 436 25.27 -24.86 -6.60
CA MET A 436 24.92 -24.78 -8.00
C MET A 436 26.11 -25.23 -8.85
N VAL A 437 25.95 -26.37 -9.52
CA VAL A 437 27.04 -27.02 -10.24
C VAL A 437 26.54 -27.44 -11.63
N VAL A 438 27.42 -28.12 -12.38
CA VAL A 438 27.12 -28.51 -13.76
C VAL A 438 27.08 -30.03 -13.85
N ALA A 439 26.10 -30.54 -14.61
CA ALA A 439 26.04 -31.94 -15.00
C ALA A 439 25.69 -32.04 -16.47
N ASN A 440 26.16 -33.10 -17.14
CA ASN A 440 25.99 -33.26 -18.58
C ASN A 440 25.27 -34.57 -18.92
N THR A 441 24.91 -35.37 -17.90
CA THR A 441 24.13 -36.58 -18.12
C THR A 441 22.93 -36.54 -17.20
N MET A 442 21.89 -37.29 -17.57
CA MET A 442 20.73 -37.44 -16.69
C MET A 442 21.18 -38.08 -15.39
N GLU A 443 22.04 -39.09 -15.50
CA GLU A 443 22.52 -39.84 -14.35
C GLU A 443 23.28 -38.93 -13.41
N ASP A 444 24.14 -38.07 -13.95
CA ASP A 444 24.91 -37.14 -13.15
C ASP A 444 23.97 -36.14 -12.50
N PHE A 445 22.99 -35.70 -13.30
CA PHE A 445 22.01 -34.73 -12.88
C PHE A 445 21.24 -35.25 -11.67
N GLN A 446 20.84 -36.52 -11.71
CA GLN A 446 20.02 -37.08 -10.65
C GLN A 446 20.75 -37.09 -9.32
N LYS A 447 22.03 -37.52 -9.32
CA LYS A 447 22.77 -37.72 -8.09
C LYS A 447 23.02 -36.38 -7.38
N ILE A 448 23.35 -35.34 -8.15
CA ILE A 448 23.66 -34.03 -7.62
C ILE A 448 22.39 -33.39 -7.07
N LEU A 449 21.29 -33.52 -7.82
CA LEU A 449 19.98 -33.01 -7.41
C LEU A 449 19.61 -33.58 -6.05
N ASP A 450 19.77 -34.90 -5.88
CA ASP A 450 19.35 -35.59 -4.66
C ASP A 450 20.35 -35.34 -3.54
N SER A 451 21.44 -34.61 -3.83
CA SER A 451 22.38 -34.18 -2.80
C SER A 451 21.93 -32.85 -2.18
N GLY A 452 20.77 -32.34 -2.64
CA GLY A 452 20.26 -31.06 -2.17
C GLY A 452 20.86 -29.89 -2.94
N LYS A 453 21.09 -30.08 -4.25
CA LYS A 453 21.71 -29.04 -5.06
C LYS A 453 20.84 -28.70 -6.26
N ILE A 454 21.16 -27.57 -6.90
CA ILE A 454 20.55 -27.15 -8.14
C ILE A 454 21.61 -27.27 -9.24
N VAL A 455 21.19 -27.64 -10.45
CA VAL A 455 22.12 -28.06 -11.49
C VAL A 455 21.78 -27.36 -12.80
N GLN A 456 22.82 -26.86 -13.47
CA GLN A 456 22.71 -26.38 -14.84
C GLN A 456 22.99 -27.56 -15.78
N ILE A 457 22.01 -27.88 -16.64
CA ILE A 457 22.15 -28.99 -17.58
C ILE A 457 21.99 -28.47 -19.01
N PRO A 458 22.52 -29.20 -20.03
CA PRO A 458 22.29 -28.87 -21.43
C PRO A 458 20.86 -29.28 -21.79
N PHE A 459 20.09 -28.38 -22.41
CA PHE A 459 18.65 -28.59 -22.53
C PHE A 459 18.16 -28.35 -23.95
N CYS A 460 17.28 -29.26 -24.39
CA CYS A 460 16.60 -29.20 -25.69
C CYS A 460 15.73 -27.95 -25.77
N GLY A 461 15.03 -27.65 -24.68
CA GLY A 461 14.14 -26.50 -24.60
C GLY A 461 12.68 -26.86 -24.83
N GLU A 462 12.40 -28.13 -25.15
CA GLU A 462 11.06 -28.57 -25.51
C GLU A 462 10.23 -28.79 -24.26
N ILE A 463 8.91 -28.58 -24.37
CA ILE A 463 8.01 -28.80 -23.25
C ILE A 463 7.95 -30.30 -22.93
N ASP A 464 8.19 -31.14 -23.94
CA ASP A 464 8.24 -32.58 -23.75
C ASP A 464 9.47 -32.98 -22.93
N CYS A 465 10.65 -32.48 -23.33
CA CYS A 465 11.90 -32.73 -22.62
C CYS A 465 11.66 -32.39 -21.14
N GLU A 466 11.10 -31.21 -20.88
CA GLU A 466 10.92 -30.68 -19.53
C GLU A 466 9.95 -31.54 -18.72
N ASP A 467 8.79 -31.88 -19.31
CA ASP A 467 7.80 -32.71 -18.62
C ASP A 467 8.40 -34.07 -18.28
N TRP A 468 9.19 -34.62 -19.19
CA TRP A 468 9.80 -35.93 -19.00
C TRP A 468 10.78 -35.88 -17.81
N ILE A 469 11.55 -34.80 -17.73
CA ILE A 469 12.53 -34.60 -16.66
C ILE A 469 11.83 -34.56 -15.31
N LYS A 470 10.71 -33.81 -15.24
CA LYS A 470 9.94 -33.67 -14.02
C LYS A 470 9.56 -35.04 -13.50
N LYS A 471 8.99 -35.88 -14.39
CA LYS A 471 8.51 -37.20 -14.02
C LYS A 471 9.68 -38.09 -13.61
N THR A 472 10.79 -38.00 -14.36
CA THR A 472 11.92 -38.91 -14.20
C THR A 472 12.69 -38.61 -12.92
N THR A 473 12.96 -37.32 -12.67
CA THR A 473 13.75 -36.91 -11.53
C THR A 473 13.04 -37.30 -10.22
N ALA A 474 11.71 -37.44 -10.27
CA ALA A 474 10.91 -37.84 -9.12
C ALA A 474 10.89 -39.36 -8.97
N ARG A 475 10.73 -40.07 -10.09
CA ARG A 475 10.65 -41.52 -10.09
C ARG A 475 11.95 -42.12 -9.58
N ASP A 476 13.08 -41.59 -10.07
CA ASP A 476 14.39 -42.14 -9.79
C ASP A 476 15.00 -41.50 -8.54
N GLN A 477 14.28 -40.58 -7.89
CA GLN A 477 14.86 -39.81 -6.81
C GLN A 477 15.20 -40.73 -5.64
N ASP A 478 16.33 -40.45 -4.99
CA ASP A 478 16.71 -41.11 -3.76
C ASP A 478 16.91 -40.04 -2.68
N LEU A 479 15.99 -39.99 -1.71
CA LEU A 479 16.04 -38.96 -0.69
C LEU A 479 15.79 -39.56 0.70
N GLU A 480 15.92 -38.70 1.73
CA GLU A 480 15.84 -39.10 3.12
C GLU A 480 14.47 -39.64 3.46
N PRO A 481 14.35 -40.51 4.49
CA PRO A 481 13.10 -41.22 4.80
C PRO A 481 11.81 -40.37 4.83
N GLY A 482 11.91 -39.12 5.27
CA GLY A 482 10.76 -38.24 5.37
C GLY A 482 10.39 -37.62 4.02
N ALA A 483 11.39 -37.01 3.36
CA ALA A 483 11.20 -36.24 2.15
C ALA A 483 10.19 -36.89 1.20
N PRO A 484 9.19 -36.12 0.70
CA PRO A 484 8.22 -36.66 -0.25
C PRO A 484 8.76 -36.60 -1.68
N SER A 485 8.07 -37.30 -2.59
CA SER A 485 8.44 -37.32 -4.00
C SER A 485 8.31 -35.91 -4.58
N MET A 486 9.40 -35.38 -5.14
CA MET A 486 9.41 -34.06 -5.73
C MET A 486 10.31 -34.02 -6.96
N GLY A 487 9.68 -33.95 -8.14
CA GLY A 487 10.40 -33.81 -9.40
C GLY A 487 11.02 -32.43 -9.55
N ALA A 488 12.08 -32.33 -10.37
CA ALA A 488 12.75 -31.08 -10.62
C ALA A 488 12.11 -30.38 -11.80
N LYS A 489 11.98 -29.05 -11.71
CA LYS A 489 11.48 -28.24 -12.80
C LYS A 489 12.57 -27.23 -13.20
N SER A 490 12.41 -26.62 -14.37
CA SER A 490 13.35 -25.61 -14.79
C SER A 490 13.17 -24.37 -13.91
N LEU A 491 14.28 -23.70 -13.61
CA LEU A 491 14.26 -22.45 -12.86
C LEU A 491 14.45 -21.30 -13.84
N CYS A 492 15.60 -21.27 -14.52
CA CYS A 492 15.88 -20.30 -15.56
C CYS A 492 16.97 -20.80 -16.50
N ILE A 493 16.99 -20.24 -17.72
CA ILE A 493 18.12 -20.33 -18.62
C ILE A 493 19.04 -19.17 -18.25
N PRO A 494 20.16 -19.38 -17.52
CA PRO A 494 21.00 -18.28 -17.04
C PRO A 494 21.58 -17.40 -18.14
N PHE A 495 21.61 -16.09 -17.89
CA PHE A 495 22.30 -15.15 -18.76
C PHE A 495 23.79 -15.45 -18.75
N LYS A 496 24.32 -15.81 -17.58
CA LYS A 496 25.73 -16.11 -17.41
C LYS A 496 25.87 -17.51 -16.82
N PRO A 497 25.77 -18.57 -17.67
CA PRO A 497 25.99 -19.94 -17.21
C PRO A 497 27.44 -20.20 -16.80
N LEU A 498 27.63 -21.22 -15.96
CA LEU A 498 28.93 -21.57 -15.43
C LEU A 498 29.88 -21.98 -16.56
N CYS A 499 29.34 -22.69 -17.55
CA CYS A 499 30.13 -23.23 -18.64
C CYS A 499 29.48 -22.90 -19.98
N GLU A 500 30.31 -22.84 -21.03
CA GLU A 500 29.83 -22.67 -22.40
C GLU A 500 29.40 -24.03 -22.94
N LEU A 501 28.39 -24.02 -23.82
CA LEU A 501 27.81 -25.24 -24.33
C LEU A 501 28.72 -25.85 -25.38
N GLN A 502 29.11 -27.12 -25.19
CA GLN A 502 29.98 -27.80 -26.13
C GLN A 502 29.31 -27.82 -27.51
N PRO A 503 30.05 -27.46 -28.58
CA PRO A 503 29.50 -27.33 -29.94
C PRO A 503 28.45 -28.30 -30.48
N GLY A 504 28.50 -29.57 -30.07
CA GLY A 504 27.59 -30.58 -30.61
C GLY A 504 26.70 -31.21 -29.54
N ALA A 505 26.63 -30.60 -28.35
CA ALA A 505 26.03 -31.24 -27.18
C ALA A 505 24.53 -31.42 -27.38
N LYS A 506 23.97 -32.41 -26.66
CA LYS A 506 22.56 -32.77 -26.79
C LYS A 506 21.86 -32.70 -25.44
N CYS A 507 20.53 -32.55 -25.50
CA CYS A 507 19.64 -32.54 -24.35
C CYS A 507 19.83 -33.84 -23.56
N VAL A 508 19.66 -33.78 -22.23
CA VAL A 508 19.90 -34.92 -21.36
C VAL A 508 18.96 -36.07 -21.70
N CYS A 509 17.86 -35.78 -22.42
CA CYS A 509 16.96 -36.80 -22.93
C CYS A 509 17.66 -37.65 -23.97
N GLY A 510 18.54 -37.03 -24.77
CA GLY A 510 19.33 -37.71 -25.78
C GLY A 510 18.69 -37.63 -27.17
N LYS A 511 17.44 -37.18 -27.22
CA LYS A 511 16.66 -37.24 -28.44
C LYS A 511 17.07 -36.13 -29.40
N ASN A 512 17.50 -34.97 -28.87
CA ASN A 512 17.76 -33.81 -29.71
C ASN A 512 18.88 -32.95 -29.13
N PRO A 513 19.44 -31.99 -29.92
CA PRO A 513 20.55 -31.16 -29.46
C PRO A 513 20.19 -30.14 -28.37
N ALA A 514 21.20 -29.83 -27.55
CA ALA A 514 21.07 -28.86 -26.49
C ALA A 514 20.99 -27.47 -27.12
N LYS A 515 20.07 -26.65 -26.61
CA LYS A 515 19.89 -25.29 -27.10
C LYS A 515 20.66 -24.32 -26.21
N TYR A 516 20.60 -24.58 -24.91
CA TYR A 516 21.23 -23.73 -23.89
C TYR A 516 21.42 -24.56 -22.64
N TYR A 517 22.38 -24.13 -21.82
CA TYR A 517 22.50 -24.62 -20.45
C TYR A 517 21.34 -24.05 -19.65
N THR A 518 20.60 -24.92 -18.95
CA THR A 518 19.43 -24.49 -18.21
C THR A 518 19.56 -24.94 -16.76
N LEU A 519 19.18 -24.05 -15.84
CA LEU A 519 19.19 -24.34 -14.43
C LEU A 519 17.90 -25.09 -14.06
N PHE A 520 18.07 -26.21 -13.33
CA PHE A 520 16.97 -27.05 -12.90
C PHE A 520 17.12 -27.35 -11.41
N GLY A 521 16.01 -27.69 -10.75
CA GLY A 521 16.06 -28.02 -9.34
C GLY A 521 14.67 -28.25 -8.77
N ARG A 522 14.63 -28.73 -7.52
CA ARG A 522 13.40 -28.76 -6.75
C ARG A 522 13.07 -27.33 -6.34
N SER A 523 11.77 -27.02 -6.29
CA SER A 523 11.35 -25.63 -6.18
C SER A 523 10.06 -25.49 -5.39
N TYR A 524 9.52 -24.26 -5.37
CA TYR A 524 8.24 -23.95 -4.77
C TYR A 524 7.22 -23.67 -5.88
N ALA B 30 -18.13 22.46 -20.17
CA ALA B 30 -19.24 22.47 -19.17
C ALA B 30 -18.97 23.51 -18.08
N LYS B 31 -20.02 23.86 -17.32
CA LYS B 31 -19.95 24.85 -16.27
C LYS B 31 -20.57 24.30 -14.98
N LYS B 32 -19.96 24.67 -13.85
CA LYS B 32 -20.30 24.12 -12.54
C LYS B 32 -21.70 24.53 -12.10
N GLU B 33 -22.07 25.78 -12.41
CA GLU B 33 -23.34 26.35 -11.97
C GLU B 33 -24.50 25.79 -12.81
N GLU B 34 -24.18 25.32 -14.03
CA GLU B 34 -25.16 24.68 -14.89
C GLU B 34 -25.20 23.18 -14.57
N ASN B 35 -24.73 22.35 -15.51
CA ASN B 35 -24.80 20.91 -15.37
C ASN B 35 -23.60 20.46 -14.52
N LEU B 36 -23.86 20.15 -13.25
CA LEU B 36 -22.81 19.86 -12.29
C LEU B 36 -22.24 18.47 -12.52
N ALA B 37 -23.10 17.52 -12.87
CA ALA B 37 -22.69 16.15 -13.13
C ALA B 37 -21.78 16.11 -14.36
N ASP B 38 -22.15 16.86 -15.40
CA ASP B 38 -21.35 16.93 -16.62
C ASP B 38 -20.05 17.69 -16.33
N TRP B 39 -20.12 18.74 -15.50
CA TRP B 39 -18.95 19.51 -15.13
C TRP B 39 -17.94 18.65 -14.37
N TYR B 40 -18.45 17.86 -13.42
CA TYR B 40 -17.62 17.04 -12.54
C TYR B 40 -16.91 15.95 -13.35
N SER B 41 -17.66 15.34 -14.28
CA SER B 41 -17.12 14.32 -15.16
C SER B 41 -15.99 14.89 -16.01
N GLN B 42 -16.20 16.10 -16.54
CA GLN B 42 -15.22 16.76 -17.39
C GLN B 42 -13.94 17.08 -16.61
N VAL B 43 -14.07 17.47 -15.34
CA VAL B 43 -12.95 17.94 -14.55
C VAL B 43 -12.05 16.75 -14.18
N ILE B 44 -12.65 15.65 -13.73
CA ILE B 44 -11.86 14.52 -13.24
C ILE B 44 -11.17 13.82 -14.41
N THR B 45 -11.77 13.84 -15.60
CA THR B 45 -11.19 13.15 -16.75
C THR B 45 -10.12 14.03 -17.40
N LYS B 46 -10.44 15.32 -17.61
CA LYS B 46 -9.55 16.21 -18.33
C LYS B 46 -8.33 16.57 -17.48
N SER B 47 -8.48 16.51 -16.15
CA SER B 47 -7.34 16.66 -15.26
C SER B 47 -6.51 15.39 -15.21
N GLU B 48 -7.02 14.31 -15.82
CA GLU B 48 -6.34 13.02 -15.86
C GLU B 48 -6.23 12.44 -14.45
N MET B 49 -7.31 12.58 -13.66
CA MET B 49 -7.38 11.96 -12.34
C MET B 49 -8.08 10.61 -12.45
N ILE B 50 -9.14 10.55 -13.26
CA ILE B 50 -10.06 9.43 -13.24
C ILE B 50 -10.23 8.89 -14.67
N GLU B 51 -10.28 7.56 -14.77
CA GLU B 51 -10.77 6.91 -15.97
C GLU B 51 -11.90 5.97 -15.56
N TYR B 52 -12.86 5.77 -16.47
CA TYR B 52 -14.01 4.93 -16.18
C TYR B 52 -13.64 3.47 -16.43
N HIS B 53 -14.41 2.58 -15.80
CA HIS B 53 -14.20 1.14 -15.85
C HIS B 53 -15.52 0.49 -16.23
N ASP B 54 -15.48 -0.75 -16.71
CA ASP B 54 -16.68 -1.43 -17.19
C ASP B 54 -17.46 -2.03 -16.03
N ILE B 55 -16.90 -2.00 -14.82
CA ILE B 55 -17.63 -2.41 -13.61
C ILE B 55 -18.21 -1.15 -12.96
N SER B 56 -19.52 -1.14 -12.76
CA SER B 56 -20.23 0.03 -12.27
C SER B 56 -19.73 0.42 -10.88
N GLY B 57 -19.41 1.71 -10.71
CA GLY B 57 -19.00 2.27 -9.44
C GLY B 57 -17.54 2.01 -9.11
N CYS B 58 -16.76 1.61 -10.12
CA CYS B 58 -15.33 1.39 -9.98
C CYS B 58 -14.60 2.35 -10.94
N TYR B 59 -13.63 3.09 -10.41
CA TYR B 59 -12.95 4.12 -11.18
C TYR B 59 -11.45 3.99 -10.98
N ILE B 60 -10.69 4.16 -12.08
CA ILE B 60 -9.24 4.08 -12.05
C ILE B 60 -8.68 5.38 -11.49
N LEU B 61 -7.82 5.27 -10.49
CA LEU B 61 -7.05 6.40 -10.02
C LEU B 61 -5.77 6.49 -10.87
N ARG B 62 -5.71 7.50 -11.73
CA ARG B 62 -4.53 7.75 -12.52
C ARG B 62 -3.51 8.47 -11.63
N PRO B 63 -2.22 8.54 -12.02
CA PRO B 63 -1.19 9.14 -11.17
C PRO B 63 -1.58 10.47 -10.54
N TRP B 64 -2.25 11.32 -11.31
CA TRP B 64 -2.57 12.66 -10.86
C TRP B 64 -3.47 12.60 -9.62
N ALA B 65 -4.47 11.72 -9.65
CA ALA B 65 -5.35 11.51 -8.52
C ALA B 65 -4.59 10.85 -7.38
N TYR B 66 -3.79 9.83 -7.73
CA TYR B 66 -3.13 8.97 -6.75
C TYR B 66 -2.08 9.74 -5.95
N ALA B 67 -1.49 10.78 -6.56
CA ALA B 67 -0.46 11.59 -5.91
C ALA B 67 -1.03 12.37 -4.74
N ILE B 68 -2.29 12.80 -4.85
CA ILE B 68 -2.95 13.56 -3.79
C ILE B 68 -3.14 12.66 -2.57
N TRP B 69 -3.60 11.43 -2.84
CA TRP B 69 -3.79 10.41 -1.82
C TRP B 69 -2.47 10.11 -1.13
N GLU B 70 -1.38 10.04 -1.91
CA GLU B 70 -0.06 9.80 -1.34
C GLU B 70 0.33 10.96 -0.42
N ALA B 71 0.02 12.20 -0.84
CA ALA B 71 0.32 13.36 -0.02
C ALA B 71 -0.47 13.30 1.29
N ILE B 72 -1.75 12.93 1.19
CA ILE B 72 -2.61 12.79 2.36
C ILE B 72 -2.05 11.71 3.28
N LYS B 73 -1.63 10.59 2.68
CA LYS B 73 -1.13 9.44 3.40
C LYS B 73 0.20 9.75 4.08
N ASP B 74 1.04 10.56 3.43
CA ASP B 74 2.33 10.91 3.99
C ASP B 74 2.15 11.70 5.28
N PHE B 75 1.19 12.63 5.27
CA PHE B 75 0.92 13.46 6.44
C PHE B 75 0.32 12.62 7.55
N PHE B 76 -0.76 11.90 7.24
CA PHE B 76 -1.57 11.24 8.24
C PHE B 76 -0.77 10.10 8.88
N ASP B 77 0.02 9.41 8.05
CA ASP B 77 0.85 8.30 8.50
C ASP B 77 1.90 8.79 9.49
N ALA B 78 2.49 9.95 9.21
CA ALA B 78 3.48 10.55 10.10
C ALA B 78 2.83 10.85 11.45
N GLU B 79 1.59 11.36 11.43
CA GLU B 79 0.93 11.82 12.64
C GLU B 79 0.51 10.65 13.55
N ILE B 80 0.04 9.54 12.98
CA ILE B 80 -0.43 8.43 13.80
C ILE B 80 0.74 7.64 14.38
N LYS B 81 1.90 7.73 13.72
CA LYS B 81 3.10 7.09 14.25
C LYS B 81 3.51 7.76 15.57
N LYS B 82 3.32 9.08 15.66
CA LYS B 82 3.65 9.82 16.88
C LYS B 82 2.80 9.34 18.05
N LEU B 83 1.60 8.82 17.76
CA LEU B 83 0.67 8.34 18.77
C LEU B 83 0.93 6.87 19.09
N GLY B 84 1.89 6.23 18.41
CA GLY B 84 2.27 4.86 18.69
C GLY B 84 1.53 3.85 17.83
N VAL B 85 0.89 4.30 16.73
CA VAL B 85 0.16 3.40 15.85
C VAL B 85 1.12 2.77 14.86
N GLU B 86 0.97 1.46 14.63
CA GLU B 86 1.82 0.73 13.71
C GLU B 86 0.99 0.25 12.51
N ASN B 87 1.63 0.19 11.33
CA ASN B 87 0.98 -0.30 10.13
C ASN B 87 1.11 -1.82 10.06
N CYS B 88 0.15 -2.42 9.35
CA CYS B 88 0.04 -3.86 9.23
C CYS B 88 -0.77 -4.17 7.97
N TYR B 89 -1.03 -5.45 7.71
CA TYR B 89 -1.94 -5.80 6.64
C TYR B 89 -2.70 -7.08 6.97
N PHE B 90 -4.02 -6.95 7.10
CA PHE B 90 -4.91 -8.08 7.36
C PHE B 90 -5.55 -8.53 6.05
N PRO B 91 -6.05 -9.78 5.99
CA PRO B 91 -6.72 -10.31 4.79
C PRO B 91 -8.01 -9.61 4.36
N MET B 92 -8.23 -9.64 3.04
CA MET B 92 -9.39 -9.07 2.40
C MET B 92 -10.62 -9.94 2.64
N PHE B 93 -10.41 -11.23 2.94
CA PHE B 93 -11.50 -12.17 3.05
C PHE B 93 -11.90 -12.41 4.50
N VAL B 94 -13.21 -12.44 4.76
CA VAL B 94 -13.72 -12.73 6.08
C VAL B 94 -14.71 -13.89 5.96
N SER B 95 -14.65 -14.79 6.94
CA SER B 95 -15.53 -15.95 7.00
C SER B 95 -16.93 -15.51 7.42
N GLN B 96 -17.94 -16.29 7.00
CA GLN B 96 -19.32 -16.03 7.35
C GLN B 96 -19.49 -15.99 8.87
N SER B 97 -18.82 -16.92 9.56
CA SER B 97 -18.91 -17.05 11.00
C SER B 97 -18.40 -15.78 11.70
N ALA B 98 -17.24 -15.29 11.28
CA ALA B 98 -16.59 -14.17 11.93
C ALA B 98 -17.43 -12.91 11.74
N LEU B 99 -18.03 -12.78 10.56
CA LEU B 99 -18.75 -11.58 10.17
C LEU B 99 -20.04 -11.43 10.99
N GLU B 100 -20.59 -12.55 11.47
CA GLU B 100 -21.87 -12.58 12.17
C GLU B 100 -21.72 -12.44 13.69
N LYS B 101 -20.50 -12.25 14.20
CA LYS B 101 -20.27 -12.32 15.64
C LYS B 101 -20.98 -11.18 16.40
N GLU B 102 -20.91 -9.97 15.86
CA GLU B 102 -21.70 -8.88 16.40
C GLU B 102 -22.91 -8.70 15.50
N LYS B 103 -24.11 -8.82 16.08
CA LYS B 103 -25.35 -8.85 15.32
C LYS B 103 -25.74 -7.46 14.80
N THR B 104 -25.40 -6.40 15.54
CA THR B 104 -25.78 -5.07 15.11
C THR B 104 -24.99 -4.71 13.86
N HIS B 105 -23.67 -4.92 13.94
CA HIS B 105 -22.72 -4.56 12.90
C HIS B 105 -23.00 -5.33 11.60
N VAL B 106 -23.28 -6.63 11.72
CA VAL B 106 -23.47 -7.49 10.56
C VAL B 106 -24.79 -7.14 9.87
N ALA B 107 -25.81 -6.78 10.65
CA ALA B 107 -27.14 -6.54 10.11
C ALA B 107 -27.11 -5.31 9.19
N ASP B 108 -26.35 -4.29 9.60
CA ASP B 108 -26.29 -3.05 8.86
C ASP B 108 -25.44 -3.21 7.60
N PHE B 109 -24.40 -4.05 7.66
CA PHE B 109 -23.45 -4.16 6.55
C PHE B 109 -23.86 -5.25 5.56
N ALA B 110 -24.71 -6.18 5.99
CA ALA B 110 -25.05 -7.38 5.22
C ALA B 110 -25.38 -7.06 3.76
N PRO B 111 -26.35 -6.16 3.46
CA PRO B 111 -26.73 -5.90 2.06
C PRO B 111 -25.66 -5.37 1.10
N GLU B 112 -24.52 -4.90 1.61
CA GLU B 112 -23.51 -4.30 0.74
C GLU B 112 -22.22 -5.10 0.76
N VAL B 113 -22.29 -6.38 1.18
CA VAL B 113 -21.12 -7.25 1.22
C VAL B 113 -21.07 -8.10 -0.04
N ALA B 114 -19.94 -8.03 -0.76
CA ALA B 114 -19.69 -8.87 -1.92
C ALA B 114 -19.18 -10.23 -1.47
N TRP B 115 -19.75 -11.29 -2.07
CA TRP B 115 -19.44 -12.67 -1.71
C TRP B 115 -18.77 -13.40 -2.87
N VAL B 116 -17.64 -14.04 -2.56
CA VAL B 116 -16.97 -14.96 -3.48
C VAL B 116 -17.51 -16.36 -3.22
N THR B 117 -17.99 -17.03 -4.28
CA THR B 117 -18.63 -18.32 -4.11
C THR B 117 -17.93 -19.41 -4.93
N ARG B 118 -16.98 -19.05 -5.79
CA ARG B 118 -16.26 -20.06 -6.53
C ARG B 118 -14.92 -19.51 -7.01
N SER B 119 -13.94 -20.43 -7.07
CA SER B 119 -12.66 -20.20 -7.72
C SER B 119 -12.65 -21.01 -9.01
N GLY B 120 -12.34 -20.34 -10.13
CA GLY B 120 -12.51 -20.96 -11.43
C GLY B 120 -13.96 -21.42 -11.59
N LYS B 121 -14.14 -22.71 -11.88
CA LYS B 121 -15.46 -23.29 -12.05
C LYS B 121 -15.84 -24.17 -10.86
N THR B 122 -15.08 -24.09 -9.76
CA THR B 122 -15.31 -24.95 -8.61
C THR B 122 -16.02 -24.16 -7.52
N GLU B 123 -17.26 -24.57 -7.19
CA GLU B 123 -18.04 -23.91 -6.16
C GLU B 123 -17.37 -24.14 -4.81
N LEU B 124 -17.22 -23.07 -4.01
CA LEU B 124 -16.64 -23.16 -2.69
C LEU B 124 -17.61 -23.86 -1.74
N ALA B 125 -17.05 -24.57 -0.76
CA ALA B 125 -17.84 -25.26 0.26
C ALA B 125 -18.66 -24.25 1.04
N GLU B 126 -18.04 -23.11 1.35
CA GLU B 126 -18.71 -22.02 2.04
C GLU B 126 -18.27 -20.70 1.43
N PRO B 127 -19.21 -19.75 1.17
CA PRO B 127 -18.85 -18.44 0.63
C PRO B 127 -17.97 -17.64 1.61
N ILE B 128 -17.07 -16.82 1.05
CA ILE B 128 -16.28 -15.90 1.84
C ILE B 128 -16.59 -14.49 1.37
N ALA B 129 -16.52 -13.53 2.30
CA ALA B 129 -16.91 -12.16 1.99
C ALA B 129 -15.67 -11.29 1.82
N ILE B 130 -15.75 -10.37 0.86
CA ILE B 130 -14.80 -9.27 0.77
C ILE B 130 -15.14 -8.28 1.88
N ARG B 131 -14.11 -7.85 2.61
CA ARG B 131 -14.26 -6.94 3.73
C ARG B 131 -14.90 -5.62 3.28
N PRO B 132 -15.98 -5.17 3.96
CA PRO B 132 -16.45 -3.78 3.84
C PRO B 132 -15.75 -2.89 4.87
N THR B 133 -15.10 -3.56 5.83
CA THR B 133 -14.43 -2.99 6.98
C THR B 133 -13.92 -4.19 7.78
N SER B 134 -12.79 -4.02 8.50
CA SER B 134 -12.02 -5.16 8.94
C SER B 134 -12.15 -5.44 10.43
N GLU B 135 -13.16 -4.86 11.10
CA GLU B 135 -13.42 -5.16 12.50
C GLU B 135 -13.48 -6.67 12.73
N THR B 136 -14.22 -7.40 11.89
CA THR B 136 -14.50 -8.81 12.10
C THR B 136 -13.33 -9.67 11.63
N VAL B 137 -12.41 -9.10 10.85
CA VAL B 137 -11.21 -9.79 10.40
C VAL B 137 -10.14 -9.72 11.49
N MET B 138 -10.05 -8.57 12.18
CA MET B 138 -8.93 -8.26 13.05
C MET B 138 -9.13 -8.75 14.48
N TYR B 139 -10.37 -8.71 14.99
CA TYR B 139 -10.58 -8.84 16.44
C TYR B 139 -10.35 -10.26 16.93
N PRO B 140 -10.55 -11.34 16.13
CA PRO B 140 -10.09 -12.67 16.53
C PRO B 140 -8.60 -12.70 16.87
N ALA B 141 -7.78 -12.03 16.05
CA ALA B 141 -6.35 -11.91 16.29
C ALA B 141 -6.07 -11.13 17.57
N TYR B 142 -6.85 -10.06 17.80
CA TYR B 142 -6.70 -9.23 18.98
C TYR B 142 -6.89 -10.07 20.25
N ALA B 143 -7.87 -10.99 20.20
CA ALA B 143 -8.18 -11.86 21.32
C ALA B 143 -6.97 -12.72 21.72
N LYS B 144 -6.22 -13.21 20.72
CA LYS B 144 -5.12 -14.12 20.96
C LYS B 144 -3.92 -13.33 21.50
N TRP B 145 -3.77 -12.07 21.06
CA TRP B 145 -2.61 -11.28 21.39
C TRP B 145 -2.73 -10.64 22.77
N VAL B 146 -3.92 -10.66 23.38
CA VAL B 146 -4.10 -10.07 24.70
C VAL B 146 -4.26 -11.19 25.73
N GLN B 147 -3.21 -11.40 26.53
CA GLN B 147 -3.23 -12.37 27.61
C GLN B 147 -3.28 -11.65 28.97
N SER B 148 -2.60 -10.50 29.08
CA SER B 148 -2.68 -9.65 30.25
C SER B 148 -3.00 -8.21 29.85
N HIS B 149 -3.13 -7.33 30.84
CA HIS B 149 -3.33 -5.91 30.59
C HIS B 149 -2.02 -5.30 30.12
N ARG B 150 -0.93 -6.08 30.21
CA ARG B 150 0.38 -5.70 29.71
C ARG B 150 0.38 -5.69 28.18
N ASP B 151 -0.51 -6.48 27.58
CA ASP B 151 -0.57 -6.62 26.13
C ASP B 151 -1.30 -5.45 25.50
N LEU B 152 -2.00 -4.64 26.31
CA LEU B 152 -2.68 -3.46 25.83
C LEU B 152 -1.85 -2.23 26.17
N PRO B 153 -1.95 -1.13 25.40
CA PRO B 153 -2.83 -1.05 24.22
C PRO B 153 -2.27 -1.67 22.95
N ILE B 154 -3.18 -2.01 22.03
CA ILE B 154 -2.81 -2.40 20.68
C ILE B 154 -3.33 -1.33 19.74
N LYS B 155 -2.44 -0.76 18.92
CA LYS B 155 -2.81 0.27 17.98
C LYS B 155 -2.30 -0.08 16.59
N LEU B 156 -3.23 -0.41 15.70
CA LEU B 156 -2.87 -0.85 14.37
C LEU B 156 -3.65 -0.08 13.32
N ASN B 157 -2.95 0.22 12.22
CA ASN B 157 -3.55 0.87 11.06
C ASN B 157 -3.21 0.03 9.84
N GLN B 158 -4.06 0.08 8.81
CA GLN B 158 -3.70 -0.49 7.54
C GLN B 158 -4.24 0.39 6.41
N TRP B 159 -3.40 0.53 5.38
CA TRP B 159 -3.76 1.19 4.13
C TRP B 159 -4.17 0.12 3.11
N CYS B 160 -5.47 0.06 2.80
CA CYS B 160 -5.98 -1.02 1.97
C CYS B 160 -7.25 -0.56 1.25
N ASN B 161 -7.80 -1.47 0.45
CA ASN B 161 -9.05 -1.25 -0.26
C ASN B 161 -10.17 -1.98 0.48
N VAL B 162 -11.40 -1.49 0.30
CA VAL B 162 -12.58 -2.17 0.81
C VAL B 162 -13.68 -2.07 -0.24
N VAL B 163 -14.69 -2.95 -0.11
CA VAL B 163 -15.78 -3.01 -1.07
C VAL B 163 -17.10 -2.90 -0.32
N ARG B 164 -17.93 -1.94 -0.74
CA ARG B 164 -19.30 -1.78 -0.27
C ARG B 164 -20.19 -1.55 -1.47
N TRP B 165 -21.15 -2.44 -1.68
CA TRP B 165 -22.00 -2.41 -2.85
C TRP B 165 -23.02 -1.27 -2.73
N LYS B 168 -27.63 3.01 -3.65
CA LYS B 168 -27.42 4.41 -4.11
C LYS B 168 -26.51 4.41 -5.35
N HIS B 169 -26.65 5.46 -6.17
CA HIS B 169 -25.93 5.56 -7.44
C HIS B 169 -24.48 6.01 -7.19
N PRO B 170 -23.50 5.37 -7.84
CA PRO B 170 -22.09 5.66 -7.58
C PRO B 170 -21.66 7.01 -8.15
N GLN B 171 -20.69 7.63 -7.48
CA GLN B 171 -20.11 8.89 -7.93
C GLN B 171 -18.60 8.77 -7.78
N PRO B 172 -17.79 9.20 -8.77
CA PRO B 172 -16.33 9.19 -8.62
C PRO B 172 -15.88 9.87 -7.34
N PHE B 173 -14.97 9.19 -6.61
CA PHE B 173 -14.41 9.63 -5.34
C PHE B 173 -15.46 9.56 -4.23
N LEU B 174 -16.59 10.26 -4.41
CA LEU B 174 -17.52 10.55 -3.34
C LEU B 174 -18.26 9.29 -2.87
N ARG B 175 -18.64 8.42 -3.81
CA ARG B 175 -19.39 7.23 -3.46
C ARG B 175 -19.04 6.10 -4.42
N THR B 176 -18.01 5.32 -4.10
CA THR B 176 -17.53 4.31 -5.04
C THR B 176 -17.74 2.92 -4.45
N ARG B 177 -17.84 1.92 -5.34
CA ARG B 177 -18.04 0.54 -4.92
C ARG B 177 -16.77 -0.01 -4.27
N GLU B 178 -15.61 0.29 -4.84
CA GLU B 178 -14.36 -0.03 -4.18
C GLU B 178 -13.68 1.30 -3.86
N PHE B 179 -13.02 1.38 -2.71
CA PHE B 179 -12.25 2.59 -2.44
C PHE B 179 -11.02 2.28 -1.61
N LEU B 180 -10.03 3.16 -1.75
CA LEU B 180 -8.85 3.10 -0.93
C LEU B 180 -9.15 3.86 0.36
N TRP B 181 -8.62 3.36 1.48
CA TRP B 181 -8.73 4.08 2.73
C TRP B 181 -7.59 3.70 3.67
N GLN B 182 -7.55 4.34 4.84
CA GLN B 182 -6.89 3.77 5.99
C GLN B 182 -7.97 3.42 7.00
N GLU B 183 -7.73 2.36 7.77
CA GLU B 183 -8.59 2.04 8.89
C GLU B 183 -7.72 1.79 10.11
N GLY B 184 -8.02 2.51 11.19
CA GLY B 184 -7.29 2.37 12.43
C GLY B 184 -8.18 1.70 13.48
N HIS B 185 -7.62 0.69 14.15
CA HIS B 185 -8.32 -0.08 15.16
C HIS B 185 -7.47 -0.15 16.42
N SER B 186 -7.99 0.35 17.54
CA SER B 186 -7.24 0.41 18.78
C SER B 186 -7.99 -0.31 19.89
N ALA B 187 -7.23 -0.84 20.84
CA ALA B 187 -7.76 -1.55 22.00
C ALA B 187 -7.05 -1.06 23.25
N PHE B 188 -7.82 -0.82 24.32
CA PHE B 188 -7.29 -0.23 25.54
C PHE B 188 -7.83 -0.96 26.76
N ALA B 189 -7.08 -0.82 27.87
CA ALA B 189 -7.48 -1.36 29.16
C ALA B 189 -8.61 -0.51 29.77
N THR B 190 -8.60 0.80 29.50
CA THR B 190 -9.53 1.72 30.13
C THR B 190 -10.26 2.55 29.08
N MET B 191 -11.44 3.03 29.48
CA MET B 191 -12.32 3.84 28.64
C MET B 191 -11.73 5.23 28.44
N GLU B 192 -11.08 5.77 29.47
CA GLU B 192 -10.54 7.12 29.41
C GLU B 192 -9.50 7.22 28.28
N GLU B 193 -8.63 6.21 28.21
CA GLU B 193 -7.54 6.14 27.25
C GLU B 193 -8.07 6.11 25.82
N ALA B 194 -9.15 5.34 25.62
CA ALA B 194 -9.77 5.19 24.32
C ALA B 194 -10.46 6.50 23.90
N ALA B 195 -11.15 7.14 24.84
CA ALA B 195 -11.94 8.33 24.55
C ALA B 195 -11.05 9.47 24.06
N GLU B 196 -9.83 9.53 24.60
CA GLU B 196 -8.85 10.53 24.21
C GLU B 196 -8.48 10.37 22.74
N GLU B 197 -8.19 9.13 22.33
CA GLU B 197 -7.69 8.86 20.99
C GLU B 197 -8.74 9.24 19.94
N VAL B 198 -10.01 8.92 20.20
CA VAL B 198 -11.11 9.18 19.29
C VAL B 198 -11.04 10.63 18.79
N LEU B 199 -10.85 11.57 19.72
CA LEU B 199 -10.89 12.99 19.42
C LEU B 199 -9.56 13.43 18.83
N GLN B 200 -8.47 12.76 19.22
CA GLN B 200 -7.16 13.03 18.64
C GLN B 200 -7.16 12.70 17.15
N ILE B 201 -7.73 11.55 16.80
CA ILE B 201 -7.85 11.12 15.41
C ILE B 201 -8.75 12.10 14.66
N LEU B 202 -9.87 12.48 15.29
CA LEU B 202 -10.82 13.37 14.66
C LEU B 202 -10.14 14.69 14.28
N ASP B 203 -9.28 15.20 15.17
CA ASP B 203 -8.59 16.46 14.92
C ASP B 203 -7.59 16.31 13.77
N LEU B 204 -6.98 15.12 13.67
CA LEU B 204 -6.07 14.82 12.57
C LEU B 204 -6.82 14.80 11.25
N TYR B 205 -8.05 14.29 11.23
CA TYR B 205 -8.87 14.30 10.04
C TYR B 205 -9.21 15.74 9.66
N ALA B 206 -9.52 16.55 10.67
CA ALA B 206 -9.82 17.96 10.47
C ALA B 206 -8.61 18.68 9.88
N GLN B 207 -7.41 18.34 10.34
CA GLN B 207 -6.18 18.92 9.81
C GLN B 207 -6.00 18.55 8.34
N VAL B 208 -6.31 17.29 7.99
CA VAL B 208 -6.21 16.82 6.62
C VAL B 208 -7.11 17.69 5.74
N TYR B 209 -8.33 17.93 6.20
CA TYR B 209 -9.30 18.68 5.42
C TYR B 209 -8.94 20.17 5.43
N GLU B 210 -8.63 20.73 6.61
CA GLU B 210 -8.46 22.17 6.76
C GLU B 210 -7.06 22.63 6.37
N GLU B 211 -6.02 21.95 6.87
CA GLU B 211 -4.66 22.40 6.65
C GLU B 211 -4.16 21.95 5.27
N LEU B 212 -4.55 20.74 4.84
CA LEU B 212 -4.05 20.15 3.61
C LEU B 212 -4.94 20.50 2.42
N LEU B 213 -6.26 20.33 2.57
CA LEU B 213 -7.16 20.41 1.42
C LEU B 213 -7.89 21.75 1.38
N ALA B 214 -7.63 22.63 2.36
CA ALA B 214 -8.25 23.95 2.45
C ALA B 214 -9.77 23.83 2.44
N ILE B 215 -10.30 22.86 3.19
CA ILE B 215 -11.73 22.65 3.30
C ILE B 215 -12.13 22.75 4.76
N PRO B 216 -13.07 23.67 5.12
CA PRO B 216 -13.56 23.76 6.49
C PRO B 216 -14.51 22.60 6.76
N VAL B 217 -14.56 22.15 8.01
CA VAL B 217 -15.42 21.06 8.40
C VAL B 217 -15.98 21.33 9.80
N VAL B 218 -17.06 20.61 10.13
CA VAL B 218 -17.72 20.74 11.41
C VAL B 218 -17.47 19.44 12.18
N LYS B 219 -16.68 19.54 13.27
CA LYS B 219 -16.53 18.45 14.21
C LYS B 219 -17.87 18.26 14.92
N GLY B 220 -18.26 16.99 15.14
CA GLY B 220 -19.54 16.70 15.76
C GLY B 220 -19.69 15.23 16.13
N ARG B 221 -20.86 14.91 16.69
CA ARG B 221 -21.21 13.58 17.14
C ARG B 221 -22.44 13.12 16.36
N LYS B 222 -22.46 11.85 15.95
CA LYS B 222 -23.61 11.30 15.23
C LYS B 222 -24.75 11.02 16.20
N THR B 223 -25.97 10.99 15.67
CA THR B 223 -27.14 10.62 16.45
C THR B 223 -27.19 9.10 16.54
N GLU B 224 -28.11 8.57 17.36
CA GLU B 224 -28.30 7.14 17.51
C GLU B 224 -28.61 6.52 16.15
N LYS B 225 -29.41 7.22 15.33
CA LYS B 225 -29.85 6.71 14.05
C LYS B 225 -28.67 6.51 13.11
N GLU B 226 -27.75 7.48 13.07
CA GLU B 226 -26.73 7.57 12.03
C GLU B 226 -25.37 7.11 12.56
N LYS B 227 -25.31 6.66 13.82
CA LYS B 227 -24.06 6.22 14.39
C LYS B 227 -23.70 4.83 13.85
N PHE B 228 -22.43 4.48 14.02
CA PHE B 228 -21.87 3.26 13.48
C PHE B 228 -22.45 2.04 14.18
N ALA B 229 -22.92 1.07 13.40
CA ALA B 229 -23.51 -0.13 13.95
C ALA B 229 -22.43 -0.92 14.69
N GLY B 230 -22.68 -1.16 15.98
CA GLY B 230 -21.75 -1.90 16.83
C GLY B 230 -20.83 -0.98 17.63
N GLY B 231 -21.05 0.34 17.59
CA GLY B 231 -20.25 1.26 18.38
C GLY B 231 -21.11 2.01 19.40
N ASP B 232 -20.48 2.53 20.46
CA ASP B 232 -21.19 3.35 21.42
C ASP B 232 -21.49 4.71 20.84
N TYR B 233 -20.48 5.40 20.30
CA TYR B 233 -20.72 6.70 19.71
C TYR B 233 -19.74 6.95 18.57
N THR B 234 -20.17 7.80 17.64
CA THR B 234 -19.40 8.10 16.45
C THR B 234 -19.16 9.60 16.40
N THR B 235 -17.89 9.99 16.23
CA THR B 235 -17.57 11.37 15.92
C THR B 235 -17.28 11.46 14.43
N THR B 236 -17.45 12.66 13.87
CA THR B 236 -17.36 12.83 12.43
C THR B 236 -16.97 14.27 12.12
N ILE B 237 -16.37 14.45 10.94
CA ILE B 237 -16.22 15.77 10.36
C ILE B 237 -17.17 15.85 9.16
N GLU B 238 -17.83 16.98 9.03
CA GLU B 238 -18.81 17.18 7.98
C GLU B 238 -18.30 18.30 7.08
N ALA B 239 -18.35 18.05 5.77
CA ALA B 239 -17.95 19.03 4.78
C ALA B 239 -19.18 19.41 3.97
N PHE B 240 -19.18 20.62 3.41
CA PHE B 240 -20.34 21.10 2.68
C PHE B 240 -19.97 21.39 1.23
N ILE B 241 -20.70 20.74 0.32
CA ILE B 241 -20.55 20.97 -1.11
C ILE B 241 -21.67 21.92 -1.54
N SER B 242 -21.32 23.19 -1.71
CA SER B 242 -22.27 24.23 -2.03
C SER B 242 -23.01 23.93 -3.34
N ALA B 243 -22.23 23.47 -4.34
CA ALA B 243 -22.70 23.35 -5.71
C ALA B 243 -23.98 22.52 -5.78
N SER B 244 -24.04 21.42 -5.03
CA SER B 244 -25.19 20.53 -5.08
C SER B 244 -26.05 20.67 -3.82
N GLY B 245 -25.70 21.62 -2.94
CA GLY B 245 -26.39 21.78 -1.68
C GLY B 245 -26.39 20.48 -0.87
N ARG B 246 -25.23 19.84 -0.81
CA ARG B 246 -25.15 18.54 -0.17
C ARG B 246 -23.97 18.50 0.79
N ALA B 247 -24.19 17.84 1.92
CA ALA B 247 -23.14 17.63 2.89
C ALA B 247 -22.63 16.20 2.74
N ILE B 248 -21.40 15.98 3.23
CA ILE B 248 -20.78 14.69 3.11
C ILE B 248 -19.81 14.51 4.27
N GLN B 249 -19.75 13.29 4.78
CA GLN B 249 -18.88 12.92 5.88
C GLN B 249 -17.44 12.82 5.36
N GLY B 250 -16.53 13.60 5.97
CA GLY B 250 -15.14 13.64 5.55
C GLY B 250 -14.36 12.45 6.12
N GLY B 251 -14.67 12.10 7.37
CA GLY B 251 -14.02 11.01 8.08
C GLY B 251 -14.72 10.79 9.42
N THR B 252 -14.55 9.60 10.00
CA THR B 252 -15.22 9.30 11.26
C THR B 252 -14.26 8.58 12.20
N SER B 253 -14.53 8.78 13.49
CA SER B 253 -13.79 8.15 14.56
C SER B 253 -14.81 7.61 15.57
N HIS B 254 -14.76 6.30 15.86
CA HIS B 254 -15.76 5.71 16.73
C HIS B 254 -15.13 5.21 18.01
N HIS B 255 -15.88 5.34 19.10
CA HIS B 255 -15.61 4.57 20.30
C HIS B 255 -16.52 3.35 20.25
N LEU B 256 -15.93 2.16 20.12
CA LEU B 256 -16.73 0.95 20.00
C LEU B 256 -17.06 0.41 21.39
N GLY B 257 -16.48 1.03 22.42
CA GLY B 257 -16.65 0.55 23.78
C GLY B 257 -16.29 -0.93 23.88
N GLN B 258 -17.18 -1.73 24.45
CA GLN B 258 -16.91 -3.14 24.68
C GLN B 258 -17.78 -4.02 23.78
N ASN B 259 -18.33 -3.43 22.71
CA ASN B 259 -19.34 -4.13 21.92
C ASN B 259 -18.73 -5.30 21.16
N PHE B 260 -17.51 -5.14 20.63
CA PHE B 260 -16.87 -6.18 19.85
C PHE B 260 -16.08 -7.12 20.74
N SER B 261 -15.40 -6.56 21.75
CA SER B 261 -14.57 -7.36 22.64
C SER B 261 -15.42 -8.38 23.38
N LYS B 262 -16.68 -8.02 23.68
CA LYS B 262 -17.61 -8.93 24.33
C LYS B 262 -17.91 -10.10 23.40
N MET B 263 -18.07 -9.81 22.10
CA MET B 263 -18.38 -10.82 21.10
C MET B 263 -17.16 -11.64 20.73
N PHE B 264 -15.97 -11.01 20.70
CA PHE B 264 -14.78 -11.69 20.22
C PHE B 264 -13.91 -12.18 21.39
N GLU B 265 -14.32 -11.92 22.63
CA GLU B 265 -13.62 -12.38 23.82
C GLU B 265 -12.20 -11.80 23.87
N ILE B 266 -12.06 -10.50 23.64
CA ILE B 266 -10.80 -9.82 23.88
C ILE B 266 -10.80 -9.38 25.33
N VAL B 267 -10.18 -10.20 26.19
CA VAL B 267 -10.28 -10.04 27.63
C VAL B 267 -8.91 -10.18 28.26
N PHE B 268 -8.75 -9.58 29.44
CA PHE B 268 -7.56 -9.73 30.25
C PHE B 268 -7.99 -9.86 31.71
N GLU B 269 -7.08 -10.38 32.54
CA GLU B 269 -7.35 -10.60 33.95
C GLU B 269 -7.32 -9.27 34.69
N ASP B 270 -8.31 -9.06 35.56
CA ASP B 270 -8.35 -7.89 36.41
C ASP B 270 -7.09 -7.86 37.27
N PRO B 271 -6.38 -6.71 37.35
CA PRO B 271 -5.10 -6.65 38.05
C PRO B 271 -5.30 -6.81 39.55
N LYS B 272 -6.50 -6.43 40.03
CA LYS B 272 -6.80 -6.39 41.45
C LYS B 272 -7.63 -7.61 41.86
N ILE B 273 -8.60 -8.02 41.03
CA ILE B 273 -9.57 -9.01 41.48
C ILE B 273 -9.33 -10.34 40.79
N PRO B 274 -9.00 -11.41 41.55
CA PRO B 274 -8.75 -12.72 40.96
C PRO B 274 -10.02 -13.26 40.33
N GLY B 275 -9.88 -13.86 39.14
CA GLY B 275 -10.97 -14.51 38.46
C GLY B 275 -11.99 -13.52 37.90
N GLU B 276 -11.58 -12.26 37.71
CA GLU B 276 -12.44 -11.25 37.14
C GLU B 276 -11.91 -10.89 35.76
N LYS B 277 -12.73 -11.16 34.74
CA LYS B 277 -12.41 -10.82 33.36
C LYS B 277 -12.78 -9.36 33.10
N GLN B 278 -11.92 -8.65 32.37
CA GLN B 278 -12.24 -7.31 31.91
C GLN B 278 -12.26 -7.31 30.38
N PHE B 279 -13.14 -6.48 29.81
CA PHE B 279 -13.26 -6.34 28.38
C PHE B 279 -12.52 -5.07 27.95
N ALA B 280 -11.81 -5.16 26.83
CA ALA B 280 -11.04 -4.03 26.29
C ALA B 280 -11.99 -3.00 25.69
N TYR B 281 -11.64 -1.72 25.86
CA TYR B 281 -12.32 -0.63 25.20
C TYR B 281 -11.66 -0.38 23.85
N GLN B 282 -12.47 -0.17 22.81
CA GLN B 282 -11.97 -0.12 21.44
C GLN B 282 -12.50 1.09 20.67
N ASN B 283 -11.70 1.49 19.68
CA ASN B 283 -12.03 2.54 18.73
C ASN B 283 -11.75 2.03 17.33
N SER B 284 -12.40 2.62 16.32
CA SER B 284 -11.94 2.40 14.96
C SER B 284 -12.19 3.68 14.16
N TRP B 285 -11.29 3.98 13.21
CA TRP B 285 -11.36 5.25 12.51
C TRP B 285 -10.92 5.09 11.07
N GLY B 286 -11.57 5.83 10.16
CA GLY B 286 -11.33 5.66 8.73
C GLY B 286 -11.43 6.96 7.94
N LEU B 287 -10.61 7.04 6.88
CA LEU B 287 -10.61 8.14 5.94
C LEU B 287 -10.34 7.56 4.56
N THR B 288 -11.02 8.06 3.53
CA THR B 288 -10.96 7.42 2.23
C THR B 288 -10.61 8.45 1.15
N THR B 289 -10.65 7.98 -0.10
CA THR B 289 -10.34 8.76 -1.29
C THR B 289 -11.48 9.75 -1.61
N ARG B 290 -12.56 9.70 -0.84
CA ARG B 290 -13.64 10.68 -0.92
C ARG B 290 -13.11 12.12 -0.76
N THR B 291 -12.04 12.27 0.03
CA THR B 291 -11.32 13.53 0.23
C THR B 291 -11.06 14.24 -1.10
N ILE B 292 -10.59 13.47 -2.09
CA ILE B 292 -10.17 14.04 -3.37
C ILE B 292 -11.41 14.55 -4.11
N GLY B 293 -12.54 13.87 -3.91
CA GLY B 293 -13.80 14.32 -4.48
C GLY B 293 -14.28 15.62 -3.85
N VAL B 294 -14.13 15.71 -2.52
CA VAL B 294 -14.57 16.89 -1.79
C VAL B 294 -13.70 18.08 -2.20
N MET B 295 -12.40 17.84 -2.35
CA MET B 295 -11.44 18.84 -2.82
C MET B 295 -11.83 19.37 -4.19
N THR B 296 -12.28 18.47 -5.07
CA THR B 296 -12.63 18.83 -6.44
C THR B 296 -13.89 19.70 -6.43
N MET B 297 -14.90 19.26 -5.66
CA MET B 297 -16.21 19.89 -5.68
C MET B 297 -16.17 21.27 -5.03
N VAL B 298 -15.25 21.48 -4.07
CA VAL B 298 -15.20 22.71 -3.30
C VAL B 298 -14.37 23.77 -4.03
N HIS B 299 -13.16 23.42 -4.49
CA HIS B 299 -12.24 24.39 -5.04
C HIS B 299 -12.27 24.43 -6.58
N GLY B 300 -12.89 23.43 -7.21
CA GLY B 300 -12.89 23.35 -8.66
C GLY B 300 -13.67 24.49 -9.30
N ASP B 301 -13.20 24.97 -10.47
CA ASP B 301 -13.86 26.07 -11.15
C ASP B 301 -14.14 25.67 -12.59
N ASN B 302 -14.47 26.65 -13.44
CA ASN B 302 -14.91 26.38 -14.79
C ASN B 302 -13.72 26.26 -15.74
N MET B 303 -12.51 26.49 -15.24
CA MET B 303 -11.32 26.32 -16.06
C MET B 303 -10.66 24.99 -15.74
N GLY B 304 -11.23 24.23 -14.79
CA GLY B 304 -10.76 22.90 -14.45
C GLY B 304 -10.53 22.72 -12.95
N LEU B 305 -9.52 21.89 -12.61
CA LEU B 305 -9.26 21.52 -11.24
C LEU B 305 -8.35 22.57 -10.60
N VAL B 306 -8.53 22.79 -9.29
CA VAL B 306 -7.66 23.66 -8.54
C VAL B 306 -7.08 22.86 -7.39
N LEU B 307 -5.74 22.88 -7.26
CA LEU B 307 -5.05 22.09 -6.27
C LEU B 307 -4.60 23.00 -5.13
N PRO B 308 -4.94 22.66 -3.87
CA PRO B 308 -4.30 23.30 -2.73
C PRO B 308 -2.81 22.98 -2.83
N PRO B 309 -1.94 24.01 -2.81
CA PRO B 309 -0.49 23.82 -2.95
C PRO B 309 0.13 22.82 -1.99
N ARG B 310 -0.45 22.72 -0.78
CA ARG B 310 0.08 21.86 0.27
C ARG B 310 0.04 20.39 -0.15
N VAL B 311 -0.93 20.04 -1.00
CA VAL B 311 -1.16 18.67 -1.43
C VAL B 311 -0.85 18.50 -2.91
N ALA B 312 -0.22 19.50 -3.55
CA ALA B 312 0.02 19.42 -4.99
C ALA B 312 1.40 18.86 -5.29
N CYS B 313 1.45 17.78 -6.06
CA CYS B 313 2.71 17.11 -6.36
C CYS B 313 3.53 17.97 -7.32
N VAL B 314 2.86 18.76 -8.16
CA VAL B 314 3.56 19.79 -8.92
C VAL B 314 3.01 21.12 -8.44
N GLN B 315 3.84 21.85 -7.67
CA GLN B 315 3.44 23.15 -7.16
C GLN B 315 3.60 24.22 -8.23
N VAL B 316 4.70 24.13 -9.00
CA VAL B 316 4.99 25.13 -10.01
C VAL B 316 5.39 24.39 -11.28
N VAL B 317 4.88 24.89 -12.41
CA VAL B 317 5.21 24.33 -13.70
C VAL B 317 5.85 25.44 -14.55
N ILE B 318 7.01 25.13 -15.13
CA ILE B 318 7.75 26.12 -15.90
C ILE B 318 7.58 25.81 -17.38
N ILE B 319 7.12 26.81 -18.13
CA ILE B 319 6.83 26.65 -19.56
C ILE B 319 7.62 27.69 -20.34
N PRO B 320 8.58 27.27 -21.20
CA PRO B 320 9.22 28.20 -22.13
C PRO B 320 8.23 28.81 -23.12
N CYS B 321 8.38 30.11 -23.38
CA CYS B 321 7.53 30.83 -24.33
C CYS B 321 8.38 31.46 -25.43
N GLY B 322 7.79 31.58 -26.63
CA GLY B 322 8.49 32.16 -27.78
C GLY B 322 9.45 31.15 -28.39
N ALA B 334 19.41 27.95 -24.59
CA ALA B 334 19.32 29.38 -24.22
C ALA B 334 18.13 29.58 -23.27
N LEU B 335 16.93 29.55 -23.83
CA LEU B 335 15.70 29.74 -23.07
C LEU B 335 15.54 28.59 -22.09
N ILE B 336 15.93 27.39 -22.51
CA ILE B 336 15.77 26.20 -21.69
C ILE B 336 16.72 26.25 -20.49
N ALA B 337 17.92 26.81 -20.67
CA ALA B 337 18.89 26.84 -19.58
C ALA B 337 18.35 27.67 -18.42
N LYS B 338 17.71 28.79 -18.74
CA LYS B 338 17.12 29.67 -17.73
C LYS B 338 16.00 28.95 -17.00
N CYS B 339 15.22 28.15 -17.75
CA CYS B 339 14.16 27.34 -17.18
C CYS B 339 14.74 26.40 -16.13
N ASN B 340 15.87 25.76 -16.47
CA ASN B 340 16.49 24.79 -15.58
C ASN B 340 17.05 25.47 -14.33
N ASP B 341 17.57 26.69 -14.45
CA ASP B 341 18.07 27.41 -13.29
C ASP B 341 16.92 27.59 -12.28
N TYR B 342 15.76 27.97 -12.81
CA TYR B 342 14.54 28.10 -12.02
C TYR B 342 14.16 26.76 -11.40
N ARG B 343 14.25 25.69 -12.20
CA ARG B 343 13.93 24.36 -11.72
C ARG B 343 14.83 24.06 -10.52
N ARG B 344 16.13 24.29 -10.70
CA ARG B 344 17.14 24.03 -9.69
C ARG B 344 16.92 24.94 -8.47
N ARG B 345 16.60 26.21 -8.72
CA ARG B 345 16.46 27.17 -7.63
C ARG B 345 15.26 26.82 -6.76
N LEU B 346 14.15 26.44 -7.40
CA LEU B 346 12.95 26.08 -6.68
C LEU B 346 13.12 24.78 -5.91
N LEU B 347 13.80 23.80 -6.50
CA LEU B 347 13.99 22.50 -5.87
C LEU B 347 14.76 22.66 -4.55
N SER B 348 15.73 23.59 -4.54
CA SER B 348 16.58 23.83 -3.38
C SER B 348 15.77 24.27 -2.16
N VAL B 349 14.66 24.98 -2.38
CA VAL B 349 13.86 25.51 -1.28
C VAL B 349 12.63 24.63 -1.05
N ASN B 350 12.68 23.39 -1.54
CA ASN B 350 11.64 22.39 -1.29
C ASN B 350 10.32 22.82 -1.92
N ILE B 351 10.38 23.41 -3.11
CA ILE B 351 9.20 23.66 -3.92
C ILE B 351 9.15 22.59 -5.01
N ARG B 352 8.01 21.87 -5.05
CA ARG B 352 7.81 20.80 -6.01
C ARG B 352 7.54 21.42 -7.37
N VAL B 353 8.49 21.27 -8.29
CA VAL B 353 8.46 21.96 -9.57
C VAL B 353 8.67 20.96 -10.69
N ARG B 354 7.96 21.18 -11.81
CA ARG B 354 8.16 20.50 -13.07
C ARG B 354 8.48 21.54 -14.14
N ALA B 355 9.45 21.21 -15.00
CA ALA B 355 9.78 22.01 -16.16
C ALA B 355 9.35 21.25 -17.42
N ASP B 356 8.29 21.73 -18.07
CA ASP B 356 7.75 21.08 -19.26
C ASP B 356 8.50 21.61 -20.48
N LEU B 357 9.65 20.99 -20.78
CA LEU B 357 10.50 21.42 -21.87
C LEU B 357 10.28 20.55 -23.11
N ARG B 358 9.14 19.85 -23.16
CA ARG B 358 8.81 18.99 -24.29
C ARG B 358 8.68 19.85 -25.55
N ASP B 359 9.18 19.32 -26.68
CA ASP B 359 9.25 20.06 -27.92
C ASP B 359 8.02 19.79 -28.80
N ASN B 360 7.32 18.68 -28.52
CA ASN B 360 6.28 18.18 -29.40
C ASN B 360 4.89 18.69 -28.98
N TYR B 361 4.82 19.49 -27.91
CA TYR B 361 3.60 20.20 -27.54
C TYR B 361 3.89 21.71 -27.52
N SER B 362 2.92 22.50 -27.99
CA SER B 362 3.04 23.94 -28.02
C SER B 362 2.90 24.51 -26.61
N PRO B 363 3.33 25.77 -26.36
CA PRO B 363 3.15 26.40 -25.05
C PRO B 363 1.68 26.56 -24.70
N GLY B 364 0.85 26.79 -25.72
CA GLY B 364 -0.59 26.97 -25.55
C GLY B 364 -1.26 25.70 -25.04
N TRP B 365 -0.82 24.55 -25.57
CA TRP B 365 -1.31 23.25 -25.12
C TRP B 365 -0.94 23.05 -23.65
N LYS B 366 0.30 23.40 -23.32
CA LYS B 366 0.83 23.21 -21.97
C LYS B 366 0.09 24.10 -20.97
N PHE B 367 -0.25 25.33 -21.37
CA PHE B 367 -1.02 26.22 -20.51
C PHE B 367 -2.31 25.52 -20.07
N ASN B 368 -3.06 25.01 -21.06
CA ASN B 368 -4.36 24.40 -20.83
C ASN B 368 -4.19 23.09 -20.06
N HIS B 369 -3.15 22.32 -20.39
CA HIS B 369 -2.93 21.02 -19.78
C HIS B 369 -2.73 21.15 -18.28
N TRP B 370 -1.80 22.02 -17.86
CA TRP B 370 -1.49 22.18 -16.45
C TRP B 370 -2.55 23.02 -15.74
N GLU B 371 -3.26 23.85 -16.50
CA GLU B 371 -4.37 24.63 -15.95
C GLU B 371 -5.47 23.67 -15.52
N LEU B 372 -5.88 22.81 -16.46
CA LEU B 372 -6.89 21.78 -16.22
C LEU B 372 -6.48 20.90 -15.04
N LYS B 373 -5.17 20.72 -14.87
CA LYS B 373 -4.64 19.89 -13.80
C LYS B 373 -4.57 20.65 -12.48
N GLY B 374 -4.71 21.98 -12.54
CA GLY B 374 -4.84 22.79 -11.34
C GLY B 374 -3.52 23.07 -10.64
N VAL B 375 -2.41 23.11 -11.41
CA VAL B 375 -1.12 23.44 -10.84
C VAL B 375 -1.22 24.86 -10.26
N PRO B 376 -0.90 25.07 -8.96
CA PRO B 376 -1.00 26.39 -8.33
C PRO B 376 -0.41 27.55 -9.13
N ILE B 377 0.85 27.41 -9.56
CA ILE B 377 1.56 28.49 -10.23
C ILE B 377 2.14 27.99 -11.54
N ARG B 378 1.91 28.75 -12.61
CA ARG B 378 2.63 28.60 -13.86
C ARG B 378 3.73 29.66 -13.92
N LEU B 379 4.91 29.26 -14.40
CA LEU B 379 6.06 30.14 -14.53
C LEU B 379 6.44 30.23 -16.01
N GLU B 380 5.97 31.30 -16.66
CA GLU B 380 6.27 31.56 -18.06
C GLU B 380 7.64 32.23 -18.17
N VAL B 381 8.46 31.77 -19.12
CA VAL B 381 9.78 32.33 -19.35
C VAL B 381 10.04 32.39 -20.85
N GLY B 382 9.92 33.60 -21.42
CA GLY B 382 10.18 33.83 -22.83
C GLY B 382 11.45 34.67 -23.03
N PRO B 383 11.85 34.96 -24.29
CA PRO B 383 13.09 35.70 -24.56
C PRO B 383 13.15 37.10 -23.94
N ARG B 384 12.09 37.89 -24.16
CA ARG B 384 12.04 39.27 -23.70
C ARG B 384 12.25 39.32 -22.19
N ASP B 385 11.51 38.48 -21.46
CA ASP B 385 11.61 38.41 -20.00
C ASP B 385 12.97 37.84 -19.60
N MET B 386 13.48 36.89 -20.40
CA MET B 386 14.78 36.28 -20.15
C MET B 386 15.88 37.33 -20.24
N LYS B 387 15.78 38.18 -21.26
CA LYS B 387 16.75 39.25 -21.50
C LYS B 387 16.72 40.25 -20.35
N SER B 388 15.50 40.52 -19.86
CA SER B 388 15.25 41.55 -18.85
C SER B 388 15.32 40.97 -17.43
N CYS B 389 15.80 39.73 -17.30
CA CYS B 389 15.97 39.09 -16.01
C CYS B 389 14.67 39.09 -15.21
N GLN B 390 13.56 38.73 -15.87
CA GLN B 390 12.28 38.63 -15.18
C GLN B 390 11.47 37.44 -15.73
N PHE B 391 10.34 37.18 -15.07
CA PHE B 391 9.42 36.13 -15.49
C PHE B 391 8.04 36.47 -14.94
N VAL B 392 7.00 35.83 -15.49
CA VAL B 392 5.63 36.08 -15.10
C VAL B 392 5.09 34.85 -14.36
N ALA B 393 4.50 35.06 -13.18
CA ALA B 393 3.91 33.98 -12.42
C ALA B 393 2.39 34.14 -12.43
N VAL B 394 1.67 33.05 -12.72
CA VAL B 394 0.22 33.09 -12.84
C VAL B 394 -0.37 32.19 -11.76
N ARG B 395 -1.11 32.81 -10.82
CA ARG B 395 -1.82 32.07 -9.79
C ARG B 395 -2.99 31.33 -10.41
N ARG B 396 -3.16 30.06 -10.03
CA ARG B 396 -4.22 29.24 -10.59
C ARG B 396 -5.59 29.73 -10.12
N ASP B 397 -5.67 30.12 -8.85
CA ASP B 397 -6.94 30.33 -8.17
C ASP B 397 -7.64 31.60 -8.65
N THR B 398 -6.91 32.71 -8.75
CA THR B 398 -7.52 33.99 -9.11
C THR B 398 -7.23 34.33 -10.56
N GLY B 399 -6.22 33.68 -11.16
CA GLY B 399 -5.84 33.94 -12.54
C GLY B 399 -4.87 35.12 -12.65
N GLU B 400 -4.40 35.60 -11.49
CA GLU B 400 -3.60 36.82 -11.39
C GLU B 400 -2.23 36.60 -12.02
N LYS B 401 -1.76 37.63 -12.74
CA LYS B 401 -0.49 37.60 -13.44
C LYS B 401 0.46 38.55 -12.71
N LEU B 402 1.71 38.11 -12.47
CA LEU B 402 2.68 38.93 -11.76
C LEU B 402 4.04 38.79 -12.43
N THR B 403 4.64 39.93 -12.78
CA THR B 403 6.00 39.97 -13.30
C THR B 403 6.96 40.01 -12.11
N VAL B 404 7.94 39.09 -12.11
CA VAL B 404 8.82 38.90 -10.97
C VAL B 404 10.27 38.93 -11.44
N ALA B 405 11.10 39.65 -10.67
CA ALA B 405 12.54 39.68 -10.90
C ALA B 405 13.11 38.30 -10.60
N GLU B 406 14.06 37.88 -11.46
CA GLU B 406 14.68 36.57 -11.38
C GLU B 406 15.17 36.24 -9.97
N ASN B 407 15.77 37.23 -9.31
CA ASN B 407 16.41 37.06 -8.01
C ASN B 407 15.39 36.78 -6.90
N GLU B 408 14.13 37.18 -7.06
CA GLU B 408 13.15 37.07 -5.98
C GLU B 408 12.21 35.88 -6.19
N ALA B 409 12.60 34.90 -7.00
CA ALA B 409 11.72 33.78 -7.34
C ALA B 409 11.40 32.91 -6.13
N GLU B 410 12.43 32.53 -5.36
CA GLU B 410 12.25 31.62 -4.24
C GLU B 410 11.39 32.28 -3.16
N THR B 411 11.68 33.56 -2.87
CA THR B 411 10.97 34.30 -1.84
C THR B 411 9.50 34.45 -2.27
N LYS B 412 9.31 34.93 -3.51
CA LYS B 412 8.03 35.42 -3.97
C LYS B 412 7.08 34.26 -4.26
N LEU B 413 7.59 33.19 -4.87
CA LEU B 413 6.77 32.06 -5.24
C LEU B 413 6.29 31.32 -3.99
N GLN B 414 7.19 31.14 -3.02
CA GLN B 414 6.83 30.53 -1.74
C GLN B 414 5.74 31.36 -1.08
N ALA B 415 5.87 32.70 -1.16
CA ALA B 415 4.90 33.60 -0.58
C ALA B 415 3.56 33.46 -1.30
N ILE B 416 3.59 33.23 -2.62
CA ILE B 416 2.39 33.11 -3.42
C ILE B 416 1.68 31.80 -3.07
N LEU B 417 2.46 30.72 -2.93
CA LEU B 417 1.91 29.40 -2.64
C LEU B 417 1.10 29.44 -1.34
N GLU B 418 1.68 30.08 -0.31
CA GLU B 418 1.02 30.17 0.99
C GLU B 418 -0.27 31.00 0.88
N ASP B 419 -0.27 32.01 0.01
CA ASP B 419 -1.42 32.87 -0.14
C ASP B 419 -2.56 32.15 -0.84
N ILE B 420 -2.24 31.35 -1.86
CA ILE B 420 -3.24 30.57 -2.57
C ILE B 420 -3.89 29.58 -1.60
N GLN B 421 -3.08 28.97 -0.73
CA GLN B 421 -3.55 28.03 0.27
C GLN B 421 -4.51 28.72 1.24
N VAL B 422 -4.13 29.91 1.72
CA VAL B 422 -4.95 30.67 2.66
C VAL B 422 -6.22 31.14 1.94
N THR B 423 -6.04 31.69 0.73
CA THR B 423 -7.17 32.19 -0.05
C THR B 423 -8.22 31.09 -0.16
N LEU B 424 -7.79 29.92 -0.64
CA LEU B 424 -8.68 28.79 -0.87
C LEU B 424 -9.44 28.44 0.40
N PHE B 425 -8.73 28.40 1.52
CA PHE B 425 -9.36 28.08 2.79
C PHE B 425 -10.32 29.19 3.18
N THR B 426 -9.93 30.45 2.90
CA THR B 426 -10.74 31.60 3.28
C THR B 426 -12.03 31.62 2.45
N ARG B 427 -11.91 31.35 1.14
CA ARG B 427 -13.06 31.40 0.26
C ARG B 427 -14.09 30.35 0.66
N ALA B 428 -13.61 29.14 0.98
CA ALA B 428 -14.48 28.02 1.34
C ALA B 428 -15.07 28.20 2.74
N SER B 429 -14.30 28.83 3.65
CA SER B 429 -14.79 29.14 4.98
C SER B 429 -16.02 30.04 4.91
N GLU B 430 -15.92 31.09 4.10
CA GLU B 430 -16.99 32.06 3.96
C GLU B 430 -18.21 31.36 3.36
N ASP B 431 -17.94 30.52 2.35
CA ASP B 431 -18.98 29.79 1.64
C ASP B 431 -19.79 28.95 2.62
N LEU B 432 -19.08 28.29 3.54
CA LEU B 432 -19.71 27.44 4.54
C LEU B 432 -20.58 28.26 5.48
N LYS B 433 -20.07 29.43 5.91
CA LYS B 433 -20.76 30.27 6.88
C LYS B 433 -22.09 30.75 6.31
N THR B 434 -22.11 31.04 5.01
CA THR B 434 -23.29 31.53 4.32
C THR B 434 -24.33 30.42 4.20
N HIS B 435 -23.86 29.18 4.02
CA HIS B 435 -24.73 28.07 3.68
C HIS B 435 -25.06 27.19 4.89
N MET B 436 -24.60 27.59 6.08
CA MET B 436 -25.00 26.91 7.31
C MET B 436 -25.55 27.94 8.29
N VAL B 437 -26.80 27.73 8.75
CA VAL B 437 -27.53 28.72 9.53
C VAL B 437 -28.29 28.03 10.66
N VAL B 438 -28.80 28.85 11.60
CA VAL B 438 -29.62 28.40 12.71
C VAL B 438 -31.09 28.53 12.30
N ALA B 439 -31.93 27.61 12.81
CA ALA B 439 -33.37 27.65 12.57
C ALA B 439 -34.10 26.92 13.70
N ASN B 440 -35.31 27.38 14.03
CA ASN B 440 -36.00 26.91 15.24
C ASN B 440 -37.37 26.31 14.92
N THR B 441 -37.85 26.43 13.67
CA THR B 441 -39.16 25.92 13.31
C THR B 441 -39.09 25.25 11.96
N MET B 442 -39.97 24.25 11.74
CA MET B 442 -40.06 23.52 10.49
C MET B 442 -40.25 24.49 9.31
N GLU B 443 -41.05 25.54 9.53
CA GLU B 443 -41.26 26.55 8.52
C GLU B 443 -39.91 27.16 8.12
N ASP B 444 -39.23 27.74 9.12
CA ASP B 444 -37.95 28.40 8.91
C ASP B 444 -36.92 27.38 8.40
N PHE B 445 -36.95 26.17 8.97
CA PHE B 445 -36.00 25.13 8.59
C PHE B 445 -36.19 24.79 7.11
N GLN B 446 -37.41 24.40 6.74
CA GLN B 446 -37.71 23.94 5.39
C GLN B 446 -37.28 24.98 4.36
N LYS B 447 -37.47 26.27 4.68
CA LYS B 447 -37.17 27.35 3.76
C LYS B 447 -35.67 27.38 3.48
N ILE B 448 -34.85 27.22 4.54
CA ILE B 448 -33.40 27.29 4.41
C ILE B 448 -32.90 26.13 3.56
N LEU B 449 -33.47 24.94 3.78
CA LEU B 449 -33.08 23.74 3.05
C LEU B 449 -33.40 23.88 1.56
N ASP B 450 -34.47 24.60 1.23
CA ASP B 450 -34.92 24.75 -0.14
C ASP B 450 -33.97 25.63 -0.95
N SER B 451 -33.16 26.44 -0.25
CA SER B 451 -32.22 27.36 -0.90
C SER B 451 -30.82 26.75 -0.96
N GLY B 452 -30.74 25.42 -0.80
CA GLY B 452 -29.48 24.71 -0.93
C GLY B 452 -28.49 25.01 0.20
N LYS B 453 -29.01 25.09 1.43
CA LYS B 453 -28.18 25.35 2.59
C LYS B 453 -28.41 24.26 3.63
N ILE B 454 -27.51 24.21 4.63
CA ILE B 454 -27.64 23.30 5.77
C ILE B 454 -27.94 24.14 7.01
N VAL B 455 -28.58 23.53 8.01
CA VAL B 455 -29.07 24.31 9.15
C VAL B 455 -28.97 23.52 10.45
N GLN B 456 -28.60 24.24 11.51
CA GLN B 456 -28.60 23.72 12.87
C GLN B 456 -29.96 23.99 13.50
N ILE B 457 -30.60 22.93 14.02
CA ILE B 457 -31.94 23.01 14.57
C ILE B 457 -31.96 22.38 15.96
N PRO B 458 -32.87 22.82 16.87
CA PRO B 458 -32.97 22.21 18.19
C PRO B 458 -33.60 20.85 17.91
N PHE B 459 -33.08 19.78 18.54
CA PHE B 459 -33.49 18.44 18.15
C PHE B 459 -33.84 17.59 19.36
N CYS B 460 -34.96 16.85 19.20
CA CYS B 460 -35.49 15.96 20.23
C CYS B 460 -34.50 14.85 20.54
N GLY B 461 -33.82 14.36 19.49
CA GLY B 461 -32.88 13.25 19.63
C GLY B 461 -33.54 11.92 19.29
N GLU B 462 -34.88 11.91 19.24
CA GLU B 462 -35.61 10.69 18.95
C GLU B 462 -35.37 10.25 17.51
N ILE B 463 -35.13 8.95 17.34
CA ILE B 463 -34.93 8.37 16.02
C ILE B 463 -36.17 8.63 15.16
N ASP B 464 -37.35 8.41 15.77
CA ASP B 464 -38.61 8.57 15.05
C ASP B 464 -38.79 10.03 14.63
N CYS B 465 -38.39 10.98 15.48
CA CYS B 465 -38.49 12.38 15.12
C CYS B 465 -37.62 12.63 13.89
N GLU B 466 -36.40 12.08 13.90
CA GLU B 466 -35.48 12.18 12.78
C GLU B 466 -36.09 11.48 11.56
N ASP B 467 -36.64 10.29 11.82
CA ASP B 467 -37.32 9.49 10.82
C ASP B 467 -38.45 10.28 10.18
N TRP B 468 -39.20 10.98 11.04
CA TRP B 468 -40.26 11.87 10.60
C TRP B 468 -39.68 13.03 9.82
N ILE B 469 -38.54 13.59 10.28
CA ILE B 469 -37.99 14.77 9.66
C ILE B 469 -37.70 14.49 8.18
N LYS B 470 -37.15 13.31 7.89
CA LYS B 470 -36.78 12.97 6.51
C LYS B 470 -38.02 12.98 5.62
N LYS B 471 -39.11 12.39 6.12
CA LYS B 471 -40.35 12.28 5.37
C LYS B 471 -40.93 13.65 5.05
N THR B 472 -41.01 14.52 6.08
CA THR B 472 -41.60 15.84 5.94
C THR B 472 -40.80 16.67 4.92
N THR B 473 -39.47 16.62 5.04
CA THR B 473 -38.58 17.49 4.29
C THR B 473 -38.53 17.08 2.82
N ALA B 474 -38.69 15.78 2.54
CA ALA B 474 -38.73 15.29 1.17
C ALA B 474 -40.04 15.74 0.51
N GLY B 487 -34.95 14.55 0.85
CA GLY B 487 -35.06 14.35 2.30
C GLY B 487 -33.82 14.85 3.03
N ALA B 488 -34.03 15.45 4.22
CA ALA B 488 -32.93 16.00 5.01
C ALA B 488 -32.62 15.06 6.17
N LYS B 489 -31.33 14.75 6.35
CA LYS B 489 -30.88 13.86 7.40
C LYS B 489 -29.99 14.64 8.36
N SER B 490 -29.80 14.06 9.55
CA SER B 490 -28.89 14.59 10.55
C SER B 490 -27.46 14.36 10.07
N LEU B 491 -26.62 15.38 10.20
CA LEU B 491 -25.22 15.27 9.81
C LEU B 491 -24.40 15.00 11.06
N CYS B 492 -24.51 15.89 12.04
CA CYS B 492 -23.83 15.73 13.31
C CYS B 492 -24.43 16.69 14.34
N ILE B 493 -24.17 16.38 15.61
CA ILE B 493 -24.39 17.31 16.71
C ILE B 493 -23.08 18.06 16.91
N PRO B 494 -22.97 19.36 16.53
CA PRO B 494 -21.70 20.07 16.60
C PRO B 494 -21.12 20.18 18.02
N PHE B 495 -19.79 20.07 18.11
CA PHE B 495 -19.07 20.28 19.36
C PHE B 495 -19.14 21.75 19.74
N LYS B 496 -19.09 22.61 18.72
CA LYS B 496 -19.12 24.06 18.88
C LYS B 496 -20.32 24.59 18.10
N PRO B 497 -21.55 24.42 18.61
CA PRO B 497 -22.74 24.90 17.92
C PRO B 497 -22.77 26.43 17.94
N LEU B 498 -23.49 27.00 16.98
CA LEU B 498 -23.53 28.43 16.76
C LEU B 498 -24.29 29.16 17.87
N CYS B 499 -25.35 28.53 18.39
CA CYS B 499 -26.22 29.14 19.38
C CYS B 499 -26.47 28.20 20.55
N GLU B 500 -26.95 28.75 21.67
CA GLU B 500 -27.30 27.96 22.84
C GLU B 500 -28.83 27.94 22.99
N ALA B 505 -36.30 25.79 25.10
CA ALA B 505 -36.57 25.53 23.66
C ALA B 505 -37.07 24.11 23.48
N LYS B 506 -37.62 23.83 22.29
CA LYS B 506 -38.25 22.54 22.02
C LYS B 506 -37.97 22.09 20.58
N CYS B 507 -38.08 20.78 20.35
CA CYS B 507 -37.78 20.15 19.07
C CYS B 507 -38.79 20.61 18.02
N VAL B 508 -38.39 20.44 16.75
CA VAL B 508 -39.20 20.86 15.62
C VAL B 508 -40.47 20.01 15.52
N CYS B 509 -40.47 18.80 16.10
CA CYS B 509 -41.64 17.93 16.04
C CYS B 509 -42.75 18.44 16.96
N GLY B 510 -42.39 19.28 17.96
CA GLY B 510 -43.36 19.95 18.81
C GLY B 510 -43.79 19.10 20.00
N LYS B 511 -43.38 17.83 20.02
CA LYS B 511 -43.88 16.87 21.00
C LYS B 511 -43.05 16.95 22.29
N ASN B 512 -41.72 16.94 22.16
CA ASN B 512 -40.82 16.82 23.29
C ASN B 512 -40.03 18.11 23.48
N LYS B 515 -33.02 18.98 23.49
CA LYS B 515 -31.84 18.12 23.83
C LYS B 515 -30.55 18.83 23.41
N TYR B 516 -30.38 19.03 22.10
CA TYR B 516 -29.20 19.70 21.56
C TYR B 516 -29.51 20.30 20.19
N TYR B 517 -28.71 21.30 19.81
CA TYR B 517 -28.69 21.78 18.43
C TYR B 517 -27.98 20.76 17.56
N THR B 518 -28.65 20.34 16.48
CA THR B 518 -28.13 19.33 15.58
C THR B 518 -28.14 19.88 14.15
N LEU B 519 -27.01 19.73 13.46
CA LEU B 519 -26.91 20.13 12.06
C LEU B 519 -27.67 19.13 11.20
N PHE B 520 -28.50 19.65 10.28
CA PHE B 520 -29.32 18.85 9.39
C PHE B 520 -29.08 19.28 7.96
N GLY B 521 -29.24 18.34 7.01
CA GLY B 521 -29.02 18.66 5.61
C GLY B 521 -29.35 17.50 4.67
N ARG B 522 -29.39 17.82 3.37
CA ARG B 522 -29.38 16.82 2.32
C ARG B 522 -27.97 16.25 2.24
N SER B 523 -27.85 14.92 2.12
CA SER B 523 -26.56 14.27 2.27
C SER B 523 -26.26 13.32 1.13
N TYR B 524 -24.96 13.01 0.96
CA TYR B 524 -24.47 12.06 -0.02
C TYR B 524 -24.66 10.63 0.51
N1 W2H C . 2.26 -16.23 -3.10
C7 W2H C . 4.20 -14.60 -6.38
C8 W2H C . 3.83 -14.91 -7.68
C9 W2H C . 2.84 -15.89 -7.88
C5 W2H C . 2.53 -16.13 -5.50
C6 W2H C . 1.88 -16.63 -4.32
N3 W2H C . 3.93 -14.79 -4.02
C4 W2H C . 3.56 -15.19 -5.27
C2 W2H C . 3.26 -15.35 -3.03
C10 W2H C . 2.21 -16.48 -6.83
N11 W2H C . 0.83 -17.47 -4.39
C12 W2H C . 4.35 -14.10 -8.82
C13 W2H C . 5.21 -13.03 -8.59
C14 W2H C . 5.58 -12.19 -9.62
C15 W2H C . 5.13 -12.41 -10.91
C16 W2H C . 4.31 -13.51 -11.15
C17 W2H C . 3.91 -14.34 -10.12
S18 W2H C . 3.82 -13.87 -12.79
O19 W2H C . 2.50 -14.43 -12.76
N20 W2H C . 3.77 -12.43 -13.58
O21 W2H C . 4.88 -14.58 -13.43
C22 W2H C . 2.73 -11.57 -13.53
C23 W2H C . 2.94 -10.25 -14.28
O24 W2H C . 1.69 -11.77 -12.92
C25 W2H C . 3.90 -9.33 -13.51
C26 W2H C . 3.11 -8.05 -13.29
C27 W2H C . 1.67 -8.44 -13.48
N28 W2H C . 1.68 -9.52 -14.47
C1 EDO D . 0.28 -2.36 -0.44
O1 EDO D . 1.24 -2.27 0.60
C2 EDO D . 0.57 -3.46 -1.40
O2 EDO D . 1.95 -3.62 -1.68
C1 EDO E . 1.50 -17.11 -15.45
O1 EDO E . 1.66 -17.59 -16.77
C2 EDO E . 2.62 -17.43 -14.53
O2 EDO E . 3.92 -17.30 -15.10
N1 W2H F . -17.11 5.87 -1.33
C7 W2H F . -16.27 6.30 2.71
C8 W2H F . -17.05 5.70 3.68
C9 W2H F . -18.18 4.98 3.29
C5 W2H F . -17.70 5.40 0.95
C6 W2H F . -17.93 5.28 -0.47
N3 W2H F . -15.75 6.75 0.43
C4 W2H F . -16.58 6.15 1.33
C2 W2H F . -16.08 6.57 -0.84
C10 W2H F . -18.50 4.82 1.97
N11 W2H F . -18.95 4.56 -0.96
C12 W2H F . -16.64 5.74 5.12
C13 W2H F . -15.48 6.41 5.51
C14 W2H F . -15.00 6.30 6.80
C15 W2H F . -15.66 5.53 7.74
C16 W2H F . -16.84 4.91 7.36
C17 W2H F . -17.33 4.99 6.07
S18 W2H F . -17.79 4.06 8.58
O19 W2H F . -18.48 2.98 7.95
N20 W2H F . -16.70 3.43 9.64
O21 W2H F . -18.53 5.05 9.32
C22 W2H F . -16.02 2.26 9.45
C23 W2H F . -15.04 1.85 10.55
O24 W2H F . -16.21 1.55 8.48
C25 W2H F . -13.91 2.87 10.72
C26 W2H F . -12.75 2.28 9.97
C27 W2H F . -12.92 0.78 10.19
N28 W2H F . -14.38 0.57 10.24
C1 EDO G . -3.31 -2.51 -0.46
O1 EDO G . -4.50 -3.22 -0.18
C2 EDO G . -3.56 -1.30 -1.29
O2 EDO G . -4.33 -1.58 -2.43
#